data_4C7Z
#
_entry.id   4C7Z
#
_cell.length_a   143.170
_cell.length_b   143.170
_cell.length_c   162.250
_cell.angle_alpha   90.00
_cell.angle_beta   90.00
_cell.angle_gamma   120.00
#
_symmetry.space_group_name_H-M   'P 61 2 2'
#
loop_
_entity.id
_entity.type
_entity.pdbx_description
1 polymer 'ALDEHYDE OXIDOREDUCTASE'
2 non-polymer 'MAGNESIUM ION'
3 non-polymer 'FE2/S2 (INORGANIC) CLUSTER'
4 non-polymer 'ISOPROPYL ALCOHOL'
5 non-polymer 'BICARBONATE ION'
6 non-polymer 'CHLORIDE ION'
7 non-polymer '(MOLYBDOPTERIN-CYTOSINE DINUCLEOTIDE-S,S)-DIOXO-AQUA-MOLYBDENUM(V)'
8 non-polymer 'HYDROGEN PEROXIDE'
9 water water
#
_entity_poly.entity_id   1
_entity_poly.type   'polypeptide(L)'
_entity_poly.pdbx_seq_one_letter_code
;MIQKVITVNGIEQNLFVDAEALLSDVLRQQLGLTGVKVGCEQGQCGACSVILDGKVVRACVTKMKRVADGAQITTIEGVG
QPENLHPLQKAWVLHGGAQCGFCSPGFIVSAKGLLDTNADPSREDVRDWFQKHRNACRCTGYKPLVDAVMDAAAVINGKK
PETDLEFKMPADGRIWGSKYPRPTAVAKVTGTLDYGADLGLKMPAGTLHLAMVQAKVSHANIKGIDTSEALTMPGVHSVI
THKDVKGKNRITGLITFPTNKGDGWDRPIL(CSO)DEKVFQYGDCIALVCADSEANARAAAEKVKVDLEELPAYMSGPAA
AAEDAIEIHPGTPNVYFEQPIVKGEDTGPIFASADVTVEGDFYVGRQPHMPIEPDVAFAYMGDDGKCYIHSKSIGVHLHL
YMIAPGVGLEPDQLVLVANPMGGTFGYKFSPTSEALVAVAAMATGRPVHLRYNYQQQQQYTGKRSPWEMNVKFAAKKDGT
LLAMESDWLVDHGPYSEFGDLLTLRGAQFIGAGYNIPNIRGLGRTVATNHVWGSAFRGYGAPQSMFASECLMDMLAEKLG
MDPLELRYKNAYRPGDTNPTGQEPEVFSLPDMIDQLRPKYQAALEKAQKESTATHKKGVGISIGVYGSGLDGPDASEAWA
ELNADGTITVHTAWEDHGQGADIGCVGTAHEALRPMGVAPEKIKFTWPNTATTPNSGPSGGSRQQVMTGNAIRVACENLL
KACEKPGGGYYTYDELKAADKPTKITGNWTASGATHCDAVTGLGKPFVVYMYGVFMAEVTVDVATGQTTVDGMTLMADLG
SLCNQLATDGQIYGGLAQGIGLALSEDFEDIKKHATLVGAGFPFIKQIPDKLDIVYVNHPRPDGPFGASGVGELPLTSPH
AAIINAIKSATGVRIYRLPAYPEKVLEALKA
;
_entity_poly.pdbx_strand_id   A
#
loop_
_chem_comp.id
_chem_comp.type
_chem_comp.name
_chem_comp.formula
BCT non-polymer 'BICARBONATE ION' 'C H O3 -1'
CL non-polymer 'CHLORIDE ION' 'Cl -1'
FES non-polymer 'FE2/S2 (INORGANIC) CLUSTER' 'Fe2 S2'
IPA non-polymer 'ISOPROPYL ALCOHOL' 'C3 H8 O'
MG non-polymer 'MAGNESIUM ION' 'Mg 2'
PCD non-polymer '(MOLYBDOPTERIN-CYTOSINE DINUCLEOTIDE-S,S)-DIOXO-AQUA-MOLYBDENUM(V)' 'C19 H26 Mo N8 O16 P2 S2'
PEO non-polymer 'HYDROGEN PEROXIDE' 'H2 O2'
#
# COMPACT_ATOMS: atom_id res chain seq x y z
N MET A 1 7.83 28.95 31.29
CA MET A 1 6.54 28.14 31.28
C MET A 1 5.42 29.14 31.54
N ILE A 2 4.22 28.80 31.10
CA ILE A 2 3.06 29.66 31.31
C ILE A 2 1.83 28.80 31.59
N GLN A 3 1.00 29.34 32.47
CA GLN A 3 -0.31 28.78 32.74
C GLN A 3 -1.28 29.28 31.66
N LYS A 4 -2.02 28.34 31.08
CA LYS A 4 -3.10 28.70 30.19
C LYS A 4 -4.37 27.96 30.52
N VAL A 5 -5.41 28.71 30.80
CA VAL A 5 -6.70 28.16 31.16
C VAL A 5 -7.59 28.26 29.92
N ILE A 6 -7.94 27.11 29.38
CA ILE A 6 -8.64 27.02 28.09
C ILE A 6 -9.69 25.94 28.20
N THR A 7 -10.49 25.77 27.16
CA THR A 7 -11.48 24.71 27.14
C THR A 7 -11.11 23.74 26.04
N VAL A 8 -11.02 22.44 26.34
CA VAL A 8 -10.72 21.42 25.37
C VAL A 8 -11.84 20.38 25.37
N ASN A 9 -12.46 20.22 24.22
CA ASN A 9 -13.60 19.34 24.08
C ASN A 9 -14.65 19.61 25.15
N GLY A 10 -14.93 20.90 25.41
CA GLY A 10 -15.97 21.32 26.31
C GLY A 10 -15.62 21.32 27.77
N ILE A 11 -14.39 20.93 28.12
CA ILE A 11 -13.97 20.84 29.52
C ILE A 11 -12.85 21.86 29.77
N GLU A 12 -12.99 22.66 30.81
CA GLU A 12 -11.94 23.58 31.23
C GLU A 12 -10.67 22.81 31.60
N GLN A 13 -9.54 23.22 31.04
CA GLN A 13 -8.23 22.61 31.28
C GLN A 13 -7.29 23.68 31.83
N ASN A 14 -6.67 23.40 32.96
CA ASN A 14 -5.69 24.28 33.57
C ASN A 14 -4.31 23.82 33.12
N LEU A 15 -3.84 24.38 32.00
CA LEU A 15 -2.66 23.88 31.30
C LEU A 15 -1.41 24.59 31.71
N PHE A 16 -0.34 23.81 31.79
CA PHE A 16 1.01 24.35 32.06
C PHE A 16 1.87 23.92 30.91
N VAL A 17 2.33 24.90 30.14
CA VAL A 17 3.01 24.63 28.89
C VAL A 17 4.21 25.57 28.66
N ASP A 18 5.10 25.11 27.76
CA ASP A 18 6.14 25.92 27.15
C ASP A 18 5.43 26.63 25.99
N ALA A 19 5.61 27.94 25.94
CA ALA A 19 4.98 28.74 24.90
C ALA A 19 5.45 28.36 23.49
N GLU A 20 6.65 27.78 23.41
CA GLU A 20 7.18 27.27 22.13
C GLU A 20 6.73 25.86 21.78
N ALA A 21 6.06 25.16 22.69
CA ALA A 21 5.65 23.81 22.42
C ALA A 21 4.59 23.76 21.35
N LEU A 22 4.59 22.67 20.62
CA LEU A 22 3.59 22.42 19.58
C LEU A 22 2.32 21.90 20.21
N LEU A 23 1.20 22.44 19.72
CA LEU A 23 -0.11 22.05 20.23
C LEU A 23 -0.33 20.53 20.06
N SER A 24 0.19 19.96 18.99
CA SER A 24 0.07 18.50 18.76
C SER A 24 0.69 17.69 19.92
N ASP A 25 1.87 18.11 20.35
CA ASP A 25 2.56 17.46 21.46
C ASP A 25 1.82 17.67 22.77
N VAL A 26 1.34 18.88 23.00
CA VAL A 26 0.60 19.16 24.22
C VAL A 26 -0.64 18.28 24.29
N LEU A 27 -1.44 18.29 23.23
CA LEU A 27 -2.67 17.50 23.21
C LEU A 27 -2.40 15.99 23.36
N ARG A 28 -1.44 15.48 22.61
CA ARG A 28 -1.16 14.02 22.62
C ARG A 28 -0.48 13.57 23.92
N GLN A 29 0.60 14.26 24.30
CA GLN A 29 1.47 13.83 25.40
C GLN A 29 1.00 14.32 26.76
N GLN A 30 0.68 15.60 26.89
CA GLN A 30 0.25 16.14 28.17
C GLN A 30 -1.19 15.79 28.49
N LEU A 31 -2.07 15.82 27.48
CA LEU A 31 -3.51 15.54 27.72
C LEU A 31 -3.97 14.16 27.30
N GLY A 32 -3.11 13.36 26.69
CA GLY A 32 -3.46 12.00 26.30
C GLY A 32 -4.45 11.90 25.15
N LEU A 33 -4.59 12.97 24.38
CA LEU A 33 -5.55 13.00 23.26
C LEU A 33 -4.89 12.47 22.01
N THR A 34 -4.69 11.14 21.99
CA THR A 34 -4.02 10.52 20.86
C THR A 34 -4.88 10.36 19.61
N GLY A 35 -6.15 10.80 19.68
CA GLY A 35 -6.95 10.94 18.50
C GLY A 35 -6.49 12.03 17.59
N VAL A 36 -5.64 12.94 18.11
CA VAL A 36 -4.94 13.91 17.24
C VAL A 36 -3.77 13.17 16.63
N LYS A 37 -3.90 12.79 15.35
CA LYS A 37 -2.87 11.99 14.72
C LYS A 37 -1.80 12.87 14.10
N VAL A 38 -0.55 12.42 14.21
CA VAL A 38 0.60 13.11 13.62
C VAL A 38 1.32 12.21 12.62
N GLY A 39 1.47 12.74 11.41
CA GLY A 39 2.16 12.04 10.34
C GLY A 39 3.40 12.76 9.89
N CYS A 40 3.18 13.72 9.01
CA CYS A 40 4.28 14.48 8.36
C CYS A 40 5.03 15.42 9.31
N GLU A 41 4.35 15.94 10.35
CA GLU A 41 4.91 16.95 11.28
C GLU A 41 5.34 18.28 10.65
N GLN A 42 4.90 18.55 9.43
CA GLN A 42 5.34 19.71 8.68
C GLN A 42 4.18 20.55 8.11
N GLY A 43 2.98 20.30 8.61
CA GLY A 43 1.83 21.08 8.20
C GLY A 43 1.30 20.72 6.81
N GLN A 44 1.62 19.54 6.29
CA GLN A 44 1.29 19.20 4.88
C GLN A 44 0.20 18.18 4.70
N CYS A 45 -0.24 17.49 5.75
CA CYS A 45 -1.14 16.32 5.61
C CYS A 45 -2.50 16.46 6.32
N GLY A 46 -2.65 17.43 7.23
CA GLY A 46 -3.89 17.64 7.95
C GLY A 46 -4.33 16.59 8.97
N ALA A 47 -3.53 15.56 9.22
CA ALA A 47 -3.92 14.50 10.13
C ALA A 47 -4.13 15.02 11.56
N CYS A 48 -3.42 16.10 11.90
CA CYS A 48 -3.44 16.73 13.23
C CYS A 48 -4.41 17.93 13.29
N SER A 49 -5.34 18.01 12.34
CA SER A 49 -6.35 19.08 12.35
C SER A 49 -7.10 19.14 13.66
N VAL A 50 -7.24 20.36 14.19
CA VAL A 50 -8.05 20.60 15.38
C VAL A 50 -8.79 21.89 15.16
N ILE A 51 -9.89 22.10 15.87
CA ILE A 51 -10.59 23.38 15.79
C ILE A 51 -10.11 24.24 16.93
N LEU A 52 -9.61 25.43 16.59
CA LEU A 52 -9.14 26.39 17.57
C LEU A 52 -9.90 27.67 17.34
N ASP A 53 -10.77 28.04 18.28
CA ASP A 53 -11.57 29.27 18.17
C ASP A 53 -12.25 29.38 16.80
N GLY A 54 -12.87 28.29 16.37
CA GLY A 54 -13.67 28.27 15.16
C GLY A 54 -12.92 28.11 13.86
N LYS A 55 -11.59 28.03 13.93
CA LYS A 55 -10.76 27.82 12.73
C LYS A 55 -10.12 26.45 12.76
N VAL A 56 -10.00 25.81 11.61
CA VAL A 56 -9.33 24.51 11.53
C VAL A 56 -7.85 24.81 11.36
N VAL A 57 -7.04 24.32 12.28
CA VAL A 57 -5.58 24.51 12.26
C VAL A 57 -4.87 23.18 12.35
N ARG A 58 -3.64 23.13 11.81
CA ARG A 58 -2.79 21.96 11.97
C ARG A 58 -2.00 22.12 13.28
N ALA A 59 -2.31 21.26 14.23
CA ALA A 59 -1.72 21.37 15.56
C ALA A 59 -0.19 21.17 15.56
N CYS A 60 0.36 20.44 14.56
CA CYS A 60 1.83 20.19 14.53
C CYS A 60 2.61 21.45 14.15
N VAL A 61 1.92 22.48 13.67
CA VAL A 61 2.56 23.76 13.30
C VAL A 61 1.93 24.96 14.04
N THR A 62 1.28 24.67 15.17
CA THR A 62 0.66 25.69 15.98
C THR A 62 1.34 25.68 17.33
N LYS A 63 2.09 26.73 17.63
CA LYS A 63 2.76 26.81 18.93
C LYS A 63 1.80 27.32 20.00
N MET A 64 2.09 26.98 21.27
CA MET A 64 1.14 27.30 22.33
C MET A 64 0.98 28.79 22.53
N LYS A 65 1.99 29.56 22.14
CA LYS A 65 1.84 31.00 22.17
C LYS A 65 0.70 31.56 21.31
N ARG A 66 0.23 30.78 20.34
CA ARG A 66 -0.92 31.19 19.51
C ARG A 66 -2.28 30.80 20.10
N VAL A 67 -2.25 30.17 21.29
CA VAL A 67 -3.46 29.76 21.96
C VAL A 67 -3.66 30.73 23.09
N ALA A 68 -4.73 31.51 22.99
CA ALA A 68 -5.03 32.53 23.95
C ALA A 68 -5.68 31.93 25.19
N ASP A 69 -5.46 32.52 26.36
CA ASP A 69 -6.29 32.27 27.54
C ASP A 69 -7.75 32.31 27.10
N GLY A 70 -8.50 31.26 27.46
CA GLY A 70 -9.92 31.22 27.18
C GLY A 70 -10.24 30.62 25.82
N ALA A 71 -9.22 30.18 25.11
CA ALA A 71 -9.42 29.55 23.81
C ALA A 71 -10.29 28.28 23.91
N GLN A 72 -10.93 27.95 22.80
CA GLN A 72 -11.75 26.75 22.69
C GLN A 72 -11.10 25.85 21.69
N ILE A 73 -10.80 24.61 22.07
CA ILE A 73 -10.22 23.61 21.19
C ILE A 73 -11.13 22.39 21.10
N THR A 74 -11.31 21.88 19.89
CA THR A 74 -12.01 20.63 19.64
C THR A 74 -11.07 19.68 18.87
N THR A 75 -10.93 18.45 19.38
CA THR A 75 -10.27 17.34 18.73
C THR A 75 -11.33 16.26 18.39
N ILE A 76 -10.92 15.15 17.81
CA ILE A 76 -11.90 14.13 17.41
C ILE A 76 -12.64 13.63 18.65
N GLU A 77 -11.97 13.59 19.80
CA GLU A 77 -12.58 13.11 21.06
C GLU A 77 -13.75 14.01 21.48
N GLY A 78 -13.72 15.27 21.07
CA GLY A 78 -14.81 16.20 21.30
C GLY A 78 -15.89 16.21 20.25
N VAL A 79 -15.63 15.63 19.09
CA VAL A 79 -16.64 15.53 18.05
C VAL A 79 -17.66 14.46 18.44
N GLY A 80 -17.18 13.32 18.89
CA GLY A 80 -18.05 12.21 19.28
C GLY A 80 -17.18 11.04 19.73
N GLN A 81 -17.82 10.12 20.45
CA GLN A 81 -17.17 8.91 21.00
C GLN A 81 -18.00 7.69 20.59
N PRO A 82 -17.45 6.48 20.72
CA PRO A 82 -18.28 5.30 20.44
C PRO A 82 -19.58 5.36 21.23
N GLU A 83 -20.70 5.00 20.62
CA GLU A 83 -21.99 5.13 21.36
C GLU A 83 -22.48 6.59 21.62
N ASN A 84 -21.72 7.58 21.18
CA ASN A 84 -22.20 8.94 21.02
C ASN A 84 -21.57 9.55 19.78
N LEU A 85 -21.79 8.91 18.64
CA LEU A 85 -21.22 9.37 17.38
C LEU A 85 -21.90 10.59 16.78
N HIS A 86 -21.09 11.50 16.24
CA HIS A 86 -21.54 12.67 15.50
C HIS A 86 -22.03 12.19 14.13
N PRO A 87 -22.94 12.94 13.51
CA PRO A 87 -23.31 12.57 12.12
C PRO A 87 -22.16 12.41 11.15
N LEU A 88 -21.09 13.22 11.24
CA LEU A 88 -19.91 12.99 10.40
C LEU A 88 -19.26 11.62 10.62
N GLN A 89 -19.21 11.19 11.89
CA GLN A 89 -18.59 9.92 12.19
C GLN A 89 -19.47 8.77 11.70
N LYS A 90 -20.79 8.86 11.89
CA LYS A 90 -21.73 7.85 11.37
C LYS A 90 -21.61 7.77 9.85
N ALA A 91 -21.55 8.94 9.21
CA ALA A 91 -21.46 8.97 7.77
C ALA A 91 -20.17 8.35 7.25
N TRP A 92 -19.06 8.63 7.94
CA TRP A 92 -17.79 8.02 7.58
C TRP A 92 -17.88 6.50 7.59
N VAL A 93 -18.48 5.96 8.67
CA VAL A 93 -18.65 4.54 8.82
C VAL A 93 -19.49 3.96 7.65
N LEU A 94 -20.62 4.62 7.37
CA LEU A 94 -21.56 4.15 6.35
C LEU A 94 -20.97 4.17 4.97
N HIS A 95 -20.14 5.17 4.69
CA HIS A 95 -19.54 5.36 3.35
C HIS A 95 -18.15 4.70 3.18
N GLY A 96 -17.66 4.06 4.23
CA GLY A 96 -16.37 3.34 4.16
C GLY A 96 -15.16 4.25 4.06
N GLY A 97 -15.27 5.46 4.62
CA GLY A 97 -14.18 6.42 4.53
C GLY A 97 -12.96 6.12 5.34
N ALA A 98 -13.11 5.29 6.38
CA ALA A 98 -11.95 4.80 7.13
C ALA A 98 -11.44 3.48 6.57
N GLN A 99 -10.34 3.55 5.80
CA GLN A 99 -9.60 2.36 5.35
C GLN A 99 -8.54 2.13 6.41
N CYS A 100 -7.32 2.67 6.27
CA CYS A 100 -6.38 2.62 7.38
C CYS A 100 -6.84 3.43 8.57
N GLY A 101 -7.67 4.46 8.34
CA GLY A 101 -8.23 5.29 9.38
C GLY A 101 -7.33 6.36 9.93
N PHE A 102 -6.08 6.44 9.44
CA PHE A 102 -5.14 7.37 10.06
C PHE A 102 -5.52 8.82 9.83
N CYS A 103 -6.06 9.13 8.64
CA CYS A 103 -6.49 10.50 8.31
C CYS A 103 -7.91 10.82 8.79
N SER A 104 -8.64 9.83 9.31
CA SER A 104 -10.08 10.00 9.55
C SER A 104 -10.36 11.06 10.62
N PRO A 105 -9.64 11.03 11.78
CA PRO A 105 -9.90 12.10 12.75
C PRO A 105 -9.71 13.51 12.19
N GLY A 106 -8.59 13.72 11.47
CA GLY A 106 -8.34 15.04 10.91
C GLY A 106 -9.34 15.48 9.86
N PHE A 107 -9.74 14.57 8.97
CA PHE A 107 -10.79 14.91 7.99
C PHE A 107 -12.10 15.23 8.67
N ILE A 108 -12.45 14.47 9.72
CA ILE A 108 -13.75 14.67 10.38
C ILE A 108 -13.77 15.99 11.16
N VAL A 109 -12.69 16.31 11.88
CA VAL A 109 -12.60 17.57 12.57
C VAL A 109 -12.62 18.70 11.57
N SER A 110 -11.82 18.56 10.50
CA SER A 110 -11.84 19.56 9.41
C SER A 110 -13.24 19.78 8.80
N ALA A 111 -13.94 18.68 8.55
CA ALA A 111 -15.31 18.74 8.04
C ALA A 111 -16.27 19.42 8.99
N LYS A 112 -16.08 19.19 10.29
CA LYS A 112 -16.96 19.86 11.24
C LYS A 112 -16.74 21.37 11.13
N GLY A 113 -15.49 21.79 11.03
CA GLY A 113 -15.16 23.20 10.79
C GLY A 113 -15.83 23.76 9.52
N LEU A 114 -15.82 22.97 8.47
CA LEU A 114 -16.50 23.36 7.22
C LEU A 114 -17.98 23.56 7.46
N LEU A 115 -18.63 22.57 8.07
CA LEU A 115 -20.07 22.62 8.19
C LEU A 115 -20.54 23.68 9.19
N ASP A 116 -19.68 24.03 10.16
CA ASP A 116 -19.95 25.13 11.07
C ASP A 116 -19.88 26.50 10.38
N THR A 117 -19.30 26.58 9.18
CA THR A 117 -19.19 27.82 8.42
C THR A 117 -20.03 27.83 7.15
N ASN A 118 -20.33 26.66 6.62
CA ASN A 118 -21.12 26.46 5.41
C ASN A 118 -21.94 25.20 5.60
N ALA A 119 -23.17 25.37 6.02
CA ALA A 119 -24.03 24.25 6.39
C ALA A 119 -24.47 23.39 5.23
N ASP A 120 -24.46 23.94 4.00
CA ASP A 120 -24.95 23.22 2.84
C ASP A 120 -23.96 23.35 1.69
N PRO A 121 -22.77 22.76 1.84
CA PRO A 121 -21.77 22.88 0.79
C PRO A 121 -22.09 22.07 -0.44
N SER A 122 -21.64 22.54 -1.60
CA SER A 122 -21.58 21.69 -2.77
C SER A 122 -20.41 20.73 -2.64
N ARG A 123 -20.37 19.71 -3.48
CA ARG A 123 -19.23 18.80 -3.49
C ARG A 123 -17.94 19.56 -3.74
N GLU A 124 -18.02 20.54 -4.62
CA GLU A 124 -16.90 21.34 -4.99
C GLU A 124 -16.43 22.18 -3.78
N ASP A 125 -17.38 22.71 -3.00
CA ASP A 125 -17.04 23.44 -1.76
C ASP A 125 -16.26 22.50 -0.79
N VAL A 126 -16.68 21.24 -0.72
CA VAL A 126 -16.04 20.28 0.20
C VAL A 126 -14.61 20.01 -0.29
N ARG A 127 -14.44 19.82 -1.60
CA ARG A 127 -13.10 19.61 -2.16
C ARG A 127 -12.21 20.84 -1.96
N ASP A 128 -12.76 22.04 -2.14
CA ASP A 128 -11.97 23.26 -1.95
C ASP A 128 -11.51 23.36 -0.49
N TRP A 129 -12.39 22.98 0.42
CA TRP A 129 -12.07 23.07 1.88
C TRP A 129 -10.94 22.11 2.26
N PHE A 130 -11.03 20.85 1.84
CA PHE A 130 -9.98 19.90 2.15
C PHE A 130 -8.67 20.24 1.46
N GLN A 131 -8.71 20.89 0.28
CA GLN A 131 -7.50 21.33 -0.38
C GLN A 131 -6.83 22.44 0.44
N LYS A 132 -7.62 23.41 0.85
CA LYS A 132 -7.13 24.55 1.62
C LYS A 132 -6.53 24.11 2.95
N HIS A 133 -7.20 23.16 3.60
CA HIS A 133 -6.78 22.67 4.92
C HIS A 133 -5.78 21.50 4.86
N ARG A 134 -5.37 21.13 3.65
CA ARG A 134 -4.33 20.12 3.42
C ARG A 134 -4.66 18.78 4.02
N ASN A 135 -5.94 18.41 3.97
CA ASN A 135 -6.34 17.08 4.43
C ASN A 135 -6.01 16.03 3.36
N ALA A 136 -5.00 15.22 3.65
CA ALA A 136 -4.45 14.23 2.72
C ALA A 136 -4.90 12.83 3.08
N CYS A 137 -5.22 12.04 2.07
CA CYS A 137 -5.55 10.62 2.24
C CYS A 137 -4.90 9.83 1.16
N ARG A 138 -4.23 8.75 1.51
CA ARG A 138 -3.57 7.86 0.55
C ARG A 138 -4.36 6.59 0.22
N CYS A 139 -5.40 6.30 1.01
CA CYS A 139 -6.18 5.07 0.85
C CYS A 139 -7.41 5.17 -0.05
N THR A 140 -8.16 6.26 0.02
CA THR A 140 -9.56 6.26 -0.39
C THR A 140 -9.85 6.93 -1.75
N GLY A 141 -8.90 7.71 -2.26
CA GLY A 141 -9.15 8.50 -3.45
C GLY A 141 -10.11 9.67 -3.24
N TYR A 142 -10.40 9.98 -1.97
CA TYR A 142 -11.18 11.17 -1.54
C TYR A 142 -12.68 11.12 -1.76
N LYS A 143 -13.14 10.47 -2.83
CA LYS A 143 -14.55 10.44 -3.16
C LYS A 143 -15.46 9.95 -2.01
N PRO A 144 -15.09 8.86 -1.32
CA PRO A 144 -15.91 8.42 -0.18
C PRO A 144 -16.01 9.44 0.96
N LEU A 145 -14.93 10.23 1.11
CA LEU A 145 -14.87 11.26 2.15
C LEU A 145 -15.85 12.39 1.85
N VAL A 146 -15.85 12.83 0.59
CA VAL A 146 -16.82 13.81 0.12
C VAL A 146 -18.24 13.30 0.23
N ASP A 147 -18.48 12.05 -0.17
CA ASP A 147 -19.82 11.44 -0.03
C ASP A 147 -20.29 11.52 1.44
N ALA A 148 -19.38 11.22 2.36
CA ALA A 148 -19.73 11.20 3.78
C ALA A 148 -20.07 12.61 4.30
N VAL A 149 -19.28 13.62 3.93
CA VAL A 149 -19.59 14.99 4.30
C VAL A 149 -20.98 15.42 3.83
N MET A 150 -21.28 15.14 2.56
CA MET A 150 -22.57 15.52 1.98
C MET A 150 -23.74 14.85 2.72
N ASP A 151 -23.60 13.59 3.09
CA ASP A 151 -24.67 12.84 3.77
C ASP A 151 -24.87 13.40 5.18
N ALA A 152 -23.77 13.66 5.88
CA ALA A 152 -23.84 14.22 7.22
C ALA A 152 -24.49 15.60 7.21
N ALA A 153 -24.12 16.42 6.22
CA ALA A 153 -24.67 17.77 6.11
C ALA A 153 -26.19 17.74 5.96
N ALA A 154 -26.71 16.78 5.18
CA ALA A 154 -28.15 16.67 4.95
C ALA A 154 -28.89 16.35 6.24
N VAL A 155 -28.29 15.52 7.08
CA VAL A 155 -28.85 15.18 8.38
C VAL A 155 -28.80 16.36 9.35
N ILE A 156 -27.66 17.02 9.41
CA ILE A 156 -27.49 18.17 10.28
C ILE A 156 -28.48 19.27 9.89
N ASN A 157 -28.75 19.36 8.59
CA ASN A 157 -29.70 20.35 8.04
C ASN A 157 -31.14 20.00 8.15
N GLY A 158 -31.43 18.82 8.70
CA GLY A 158 -32.79 18.38 8.88
C GLY A 158 -33.45 17.93 7.60
N LYS A 159 -32.66 17.71 6.54
CA LYS A 159 -33.23 17.30 5.27
C LYS A 159 -33.45 15.81 5.23
N LYS A 160 -32.79 15.07 6.12
CA LYS A 160 -33.02 13.63 6.22
C LYS A 160 -32.78 13.17 7.68
N PRO A 161 -33.42 12.06 8.08
CA PRO A 161 -33.29 11.62 9.48
C PRO A 161 -31.93 11.00 9.76
N GLU A 162 -31.44 11.18 10.98
CA GLU A 162 -30.15 10.63 11.38
C GLU A 162 -30.08 9.09 11.31
N THR A 163 -31.21 8.41 11.48
CA THR A 163 -31.29 6.94 11.38
C THR A 163 -30.85 6.38 10.02
N ASP A 164 -30.95 7.21 8.99
CA ASP A 164 -30.48 6.85 7.66
C ASP A 164 -28.96 6.81 7.51
N LEU A 165 -28.26 7.30 8.52
CA LEU A 165 -26.79 7.12 8.57
C LEU A 165 -26.39 5.76 9.16
N GLU A 166 -27.37 4.94 9.55
CA GLU A 166 -27.09 3.64 10.16
C GLU A 166 -27.35 2.56 9.11
N PHE A 167 -26.42 1.62 8.96
CA PHE A 167 -26.57 0.55 7.98
C PHE A 167 -27.87 -0.23 8.20
N LYS A 168 -28.58 -0.46 7.10
CA LYS A 168 -29.80 -1.25 7.08
C LYS A 168 -29.47 -2.63 6.50
N MET A 169 -29.74 -3.68 7.27
CA MET A 169 -29.49 -5.05 6.80
C MET A 169 -30.27 -5.40 5.52
N PRO A 170 -29.62 -6.07 4.58
CA PRO A 170 -30.35 -6.44 3.39
C PRO A 170 -31.45 -7.42 3.72
N ALA A 171 -32.46 -7.45 2.86
CA ALA A 171 -33.61 -8.33 3.00
C ALA A 171 -33.19 -9.77 3.27
N ASP A 172 -32.31 -10.30 2.42
CA ASP A 172 -31.82 -11.70 2.56
C ASP A 172 -31.00 -11.98 3.83
N GLY A 173 -30.52 -10.95 4.51
CA GLY A 173 -29.64 -11.14 5.68
C GLY A 173 -28.18 -11.44 5.30
N ARG A 174 -27.91 -11.43 3.99
CA ARG A 174 -26.58 -11.68 3.41
C ARG A 174 -25.70 -10.43 3.53
N ILE A 175 -24.58 -10.53 4.22
CA ILE A 175 -23.62 -9.41 4.20
C ILE A 175 -22.58 -9.56 3.08
N TRP A 176 -22.33 -10.78 2.59
CA TRP A 176 -21.48 -10.97 1.41
C TRP A 176 -22.07 -10.16 0.29
N GLY A 177 -21.22 -9.34 -0.31
CA GLY A 177 -21.59 -8.47 -1.45
C GLY A 177 -22.25 -7.16 -1.08
N SER A 178 -22.44 -6.91 0.21
CA SER A 178 -23.15 -5.74 0.70
C SER A 178 -22.19 -4.57 1.01
N LYS A 179 -22.76 -3.50 1.57
CA LYS A 179 -22.00 -2.36 2.13
C LYS A 179 -21.92 -2.37 3.66
N TYR A 180 -21.93 -3.56 4.25
CA TYR A 180 -21.85 -3.67 5.70
C TYR A 180 -20.53 -2.97 6.16
N PRO A 181 -20.62 -2.12 7.16
CA PRO A 181 -19.42 -1.40 7.61
C PRO A 181 -18.38 -2.31 8.22
N ARG A 182 -17.11 -1.86 8.19
CA ARG A 182 -16.02 -2.69 8.72
C ARG A 182 -15.96 -2.55 10.25
N PRO A 183 -15.63 -3.64 10.94
CA PRO A 183 -15.62 -3.62 12.39
C PRO A 183 -14.78 -2.54 13.03
N THR A 184 -13.66 -2.21 12.42
CA THR A 184 -12.73 -1.23 12.97
C THR A 184 -13.14 0.23 12.73
N ALA A 185 -14.22 0.46 11.98
CA ALA A 185 -14.53 1.84 11.58
C ALA A 185 -14.86 2.76 12.73
N VAL A 186 -15.62 2.30 13.72
CA VAL A 186 -16.00 3.14 14.85
C VAL A 186 -14.75 3.60 15.60
N ALA A 187 -13.80 2.70 15.83
CA ALA A 187 -12.58 3.08 16.56
C ALA A 187 -11.76 4.09 15.75
N LYS A 188 -11.67 3.89 14.43
CA LYS A 188 -10.95 4.82 13.57
C LYS A 188 -11.55 6.20 13.54
N VAL A 189 -12.85 6.30 13.41
CA VAL A 189 -13.49 7.61 13.32
C VAL A 189 -13.61 8.36 14.63
N THR A 190 -13.36 7.67 15.76
CA THR A 190 -13.37 8.28 17.07
C THR A 190 -11.98 8.50 17.63
N GLY A 191 -10.94 8.13 16.88
CA GLY A 191 -9.57 8.30 17.39
C GLY A 191 -9.24 7.35 18.53
N THR A 192 -9.92 6.20 18.62
CA THR A 192 -9.74 5.28 19.75
C THR A 192 -9.07 3.97 19.31
N LEU A 193 -8.56 3.93 18.09
CA LEU A 193 -7.68 2.85 17.63
C LEU A 193 -6.25 3.32 17.80
N ASP A 194 -5.44 2.59 18.58
CA ASP A 194 -4.08 3.01 18.84
C ASP A 194 -3.10 2.43 17.82
N TYR A 195 -2.52 3.34 17.04
CA TYR A 195 -1.45 3.01 16.09
C TYR A 195 -0.13 2.99 16.83
N GLY A 196 0.94 2.59 16.14
CA GLY A 196 2.23 2.43 16.80
C GLY A 196 2.75 3.62 17.61
N ALA A 197 2.58 4.83 17.11
CA ALA A 197 3.10 6.00 17.84
C ALA A 197 2.23 6.28 19.08
N ASP A 198 0.91 6.04 18.95
CA ASP A 198 -0.01 6.19 20.07
C ASP A 198 0.33 5.20 21.17
N LEU A 199 0.64 3.96 20.80
CA LEU A 199 1.03 2.94 21.75
C LEU A 199 2.32 3.33 22.50
N GLY A 200 3.24 3.95 21.77
CA GLY A 200 4.48 4.46 22.37
C GLY A 200 4.23 5.47 23.48
N LEU A 201 3.23 6.33 23.30
CA LEU A 201 2.93 7.29 24.34
C LEU A 201 2.29 6.66 25.56
N LYS A 202 1.67 5.50 25.38
CA LYS A 202 0.96 4.77 26.43
C LYS A 202 1.75 3.61 27.02
N MET A 203 3.03 3.55 26.69
CA MET A 203 3.92 2.56 27.25
C MET A 203 4.47 3.02 28.61
N PRO A 204 4.99 2.10 29.38
CA PRO A 204 5.39 2.54 30.72
C PRO A 204 6.68 3.37 30.79
N ALA A 205 6.91 3.96 31.96
N ALA A 205 6.84 4.20 31.81
CA ALA A 205 8.05 4.83 32.24
CA ALA A 205 8.12 4.88 31.97
C ALA A 205 9.40 4.25 31.85
C ALA A 205 9.14 3.75 32.18
N GLY A 206 9.57 2.94 32.06
N GLY A 206 10.38 3.97 31.78
CA GLY A 206 10.84 2.25 31.79
CA GLY A 206 11.30 2.86 31.66
C GLY A 206 11.26 2.24 30.32
C GLY A 206 11.34 2.26 30.25
N THR A 207 10.32 2.49 29.43
CA THR A 207 10.48 2.27 27.98
C THR A 207 11.56 3.21 27.47
N LEU A 208 12.47 2.66 26.67
CA LEU A 208 13.49 3.47 26.06
C LEU A 208 13.03 3.86 24.66
N HIS A 209 13.34 5.08 24.28
CA HIS A 209 13.01 5.59 22.95
C HIS A 209 14.23 5.68 22.13
N LEU A 210 14.10 5.23 20.89
CA LEU A 210 15.27 5.08 20.03
C LEU A 210 15.35 6.16 18.99
N ALA A 211 16.58 6.47 18.61
CA ALA A 211 16.83 7.29 17.41
C ALA A 211 17.94 6.65 16.60
N MET A 212 17.81 6.76 15.29
CA MET A 212 18.77 6.17 14.35
C MET A 212 19.90 7.14 14.06
N VAL A 213 21.12 6.61 14.10
CA VAL A 213 22.30 7.28 13.56
C VAL A 213 22.47 6.76 12.15
N GLN A 214 22.27 7.63 11.17
CA GLN A 214 22.13 7.23 9.76
C GLN A 214 23.22 7.79 8.88
N ALA A 215 23.55 7.02 7.86
CA ALA A 215 24.53 7.45 6.87
C ALA A 215 24.04 8.68 6.13
N LYS A 216 24.95 9.63 5.94
CA LYS A 216 24.60 10.85 5.22
C LYS A 216 25.36 10.91 3.89
N VAL A 217 25.87 9.76 3.45
CA VAL A 217 26.43 9.58 2.09
C VAL A 217 25.82 8.28 1.55
N SER A 218 25.87 8.11 0.23
CA SER A 218 25.22 6.99 -0.42
C SER A 218 26.04 5.69 -0.44
N HIS A 219 27.35 5.78 -0.25
CA HIS A 219 28.21 4.60 -0.37
C HIS A 219 29.52 4.84 0.35
N ALA A 220 29.94 3.92 1.21
CA ALA A 220 31.18 4.13 1.98
C ALA A 220 31.70 2.86 2.62
N ASN A 221 32.99 2.88 2.94
CA ASN A 221 33.54 1.92 3.89
C ASN A 221 33.53 2.57 5.27
N ILE A 222 33.03 1.88 6.28
CA ILE A 222 32.99 2.43 7.63
C ILE A 222 34.26 2.09 8.39
N LYS A 223 34.88 3.10 8.99
CA LYS A 223 36.13 2.89 9.75
C LYS A 223 35.89 2.82 11.25
N GLY A 224 34.93 3.57 11.75
CA GLY A 224 34.62 3.55 13.18
C GLY A 224 33.44 4.41 13.56
N ILE A 225 33.03 4.26 14.81
CA ILE A 225 31.89 4.97 15.38
C ILE A 225 32.35 5.47 16.74
N ASP A 226 32.19 6.76 16.99
CA ASP A 226 32.54 7.36 18.28
C ASP A 226 31.27 7.88 18.95
N THR A 227 30.89 7.25 20.06
CA THR A 227 29.67 7.58 20.78
C THR A 227 29.88 8.43 22.02
N SER A 228 31.12 8.86 22.26
CA SER A 228 31.46 9.46 23.54
C SER A 228 30.66 10.71 23.89
N GLU A 229 30.47 11.62 22.94
CA GLU A 229 29.70 12.83 23.26
C GLU A 229 28.22 12.48 23.47
N ALA A 230 27.68 11.57 22.68
CA ALA A 230 26.28 11.22 22.78
C ALA A 230 25.96 10.64 24.16
N LEU A 231 26.88 9.86 24.72
CA LEU A 231 26.66 9.23 26.03
C LEU A 231 26.50 10.21 27.18
N THR A 232 27.05 11.42 27.02
CA THR A 232 26.99 12.44 28.07
C THR A 232 25.74 13.31 27.98
N MET A 233 24.88 13.06 26.99
CA MET A 233 23.79 13.98 26.67
C MET A 233 22.55 13.63 27.48
N PRO A 234 21.64 14.62 27.67
CA PRO A 234 20.47 14.41 28.53
C PRO A 234 19.64 13.16 28.17
N GLY A 235 19.31 12.38 29.20
CA GLY A 235 18.40 11.26 29.04
C GLY A 235 18.95 10.03 28.32
N VAL A 236 20.23 10.02 27.97
CA VAL A 236 20.79 8.92 27.17
C VAL A 236 21.18 7.73 28.04
N HIS A 237 20.68 6.55 27.65
CA HIS A 237 20.95 5.28 28.30
C HIS A 237 22.18 4.59 27.73
N SER A 238 22.26 4.48 26.41
CA SER A 238 23.29 3.72 25.74
C SER A 238 23.21 3.96 24.25
N VAL A 239 24.23 3.50 23.52
CA VAL A 239 24.21 3.49 22.06
C VAL A 239 24.51 2.06 21.60
N ILE A 240 23.69 1.58 20.69
CA ILE A 240 23.73 0.21 20.16
C ILE A 240 24.36 0.25 18.78
N THR A 241 25.32 -0.64 18.53
CA THR A 241 25.94 -0.78 17.22
C THR A 241 25.95 -2.26 16.80
N HIS A 242 26.57 -2.56 15.66
CA HIS A 242 26.64 -3.96 15.19
C HIS A 242 27.26 -4.89 16.23
N LYS A 243 28.13 -4.34 17.09
CA LYS A 243 28.78 -5.14 18.11
C LYS A 243 27.79 -5.73 19.10
N ASP A 244 26.59 -5.16 19.19
CA ASP A 244 25.60 -5.59 20.16
C ASP A 244 24.61 -6.59 19.57
N VAL A 245 24.78 -6.90 18.29
CA VAL A 245 23.89 -7.83 17.59
C VAL A 245 24.36 -9.24 17.93
N LYS A 246 23.40 -10.10 18.30
CA LYS A 246 23.70 -11.44 18.84
C LYS A 246 23.65 -12.57 17.80
N GLY A 247 23.19 -12.27 16.59
CA GLY A 247 23.21 -13.24 15.49
C GLY A 247 24.05 -12.76 14.32
N LYS A 248 23.65 -13.15 13.11
CA LYS A 248 24.43 -12.86 11.91
C LYS A 248 24.49 -11.37 11.53
N ASN A 249 23.61 -10.54 12.10
CA ASN A 249 23.55 -9.13 11.68
C ASN A 249 23.31 -9.00 10.19
N ARG A 250 22.47 -9.88 9.64
CA ARG A 250 22.05 -9.84 8.24
C ARG A 250 20.59 -10.27 8.21
N ILE A 251 19.83 -9.67 7.29
CA ILE A 251 18.46 -10.07 6.97
C ILE A 251 18.57 -10.96 5.76
N THR A 252 17.91 -12.11 5.79
CA THR A 252 17.90 -13.00 4.63
C THR A 252 16.69 -12.78 3.73
N GLY A 253 16.93 -12.79 2.41
CA GLY A 253 15.82 -12.76 1.48
C GLY A 253 14.95 -13.99 1.44
N LEU A 254 15.43 -15.07 2.06
CA LEU A 254 14.68 -16.28 2.39
C LEU A 254 14.31 -17.20 1.23
N ILE A 255 13.78 -16.61 0.16
CA ILE A 255 13.43 -17.33 -1.06
C ILE A 255 14.22 -16.86 -2.28
N THR A 256 15.46 -16.45 -2.03
CA THR A 256 16.39 -16.10 -3.10
C THR A 256 16.42 -17.19 -4.18
N PHE A 257 16.29 -16.81 -5.44
CA PHE A 257 16.19 -17.81 -6.51
C PHE A 257 17.55 -18.49 -6.68
N PRO A 258 17.58 -19.78 -7.02
CA PRO A 258 18.88 -20.43 -7.18
C PRO A 258 19.77 -19.80 -8.25
N THR A 259 19.19 -19.26 -9.32
CA THR A 259 19.98 -18.61 -10.36
C THR A 259 20.41 -17.17 -10.01
N ASN A 260 19.95 -16.63 -8.87
CA ASN A 260 20.50 -15.39 -8.35
C ASN A 260 21.99 -15.60 -8.10
N LYS A 261 22.81 -14.64 -8.49
CA LYS A 261 24.27 -14.75 -8.26
C LYS A 261 24.70 -14.36 -6.84
N GLY A 262 23.78 -13.77 -6.09
CA GLY A 262 24.00 -13.45 -4.69
C GLY A 262 23.30 -14.43 -3.77
N ASP A 263 23.78 -14.53 -2.54
CA ASP A 263 23.29 -15.49 -1.55
C ASP A 263 22.06 -15.00 -0.77
N GLY A 264 21.61 -13.77 -1.01
CA GLY A 264 20.45 -13.21 -0.31
C GLY A 264 20.66 -12.78 1.13
N TRP A 265 21.92 -12.77 1.56
CA TRP A 265 22.27 -12.38 2.94
C TRP A 265 22.99 -11.02 2.97
N ASP A 266 22.82 -10.25 1.89
CA ASP A 266 23.52 -8.98 1.67
C ASP A 266 23.12 -7.82 2.61
N ARG A 267 21.93 -7.85 3.16
CA ARG A 267 21.43 -6.69 3.91
C ARG A 267 21.80 -6.75 5.38
N PRO A 268 22.57 -5.76 5.89
CA PRO A 268 22.87 -5.76 7.33
C PRO A 268 21.71 -5.31 8.19
N ILE A 269 21.71 -5.67 9.46
CA ILE A 269 20.76 -5.07 10.41
C ILE A 269 21.29 -3.69 10.88
N LEU A 270 22.52 -3.66 11.38
CA LEU A 270 23.26 -2.42 11.67
C LEU A 270 24.53 -2.48 10.84
N CSO A 271 24.81 -1.42 10.09
CA CSO A 271 25.95 -1.44 9.18
CB CSO A 271 26.23 -0.06 8.61
SG CSO A 271 24.99 0.63 7.58
C CSO A 271 27.20 -1.75 9.95
O CSO A 271 27.42 -1.24 11.04
OD CSO A 271 24.42 -0.70 6.83
N ASP A 272 28.05 -2.62 9.38
CA ASP A 272 29.32 -2.97 10.00
CA ASP A 272 29.31 -3.02 9.98
C ASP A 272 30.45 -2.46 9.13
N GLU A 273 30.67 -3.07 7.97
CA GLU A 273 31.77 -2.68 7.11
C GLU A 273 31.47 -1.55 6.17
N LYS A 274 30.19 -1.41 5.78
CA LYS A 274 29.86 -0.53 4.66
C LYS A 274 28.52 0.17 4.84
N VAL A 275 28.47 1.36 4.25
CA VAL A 275 27.23 2.02 3.90
C VAL A 275 26.90 1.67 2.48
N PHE A 276 25.65 1.27 2.24
CA PHE A 276 25.17 0.89 0.90
C PHE A 276 24.17 1.86 0.28
N GLN A 277 23.50 2.64 1.13
CA GLN A 277 22.60 3.72 0.66
C GLN A 277 22.54 4.83 1.70
N TYR A 278 22.19 6.04 1.25
CA TYR A 278 21.90 7.13 2.18
C TYR A 278 20.79 6.70 3.11
N GLY A 279 20.97 6.99 4.38
CA GLY A 279 19.99 6.65 5.41
C GLY A 279 20.24 5.37 6.17
N ASP A 280 21.17 4.54 5.71
CA ASP A 280 21.46 3.24 6.37
C ASP A 280 21.65 3.48 7.86
N CYS A 281 21.04 2.65 8.69
CA CYS A 281 21.23 2.77 10.14
C CYS A 281 22.54 2.13 10.59
N ILE A 282 23.38 2.97 11.19
CA ILE A 282 24.69 2.56 11.69
C ILE A 282 24.64 2.33 13.21
N ALA A 283 23.77 3.04 13.91
CA ALA A 283 23.70 2.90 15.37
C ALA A 283 22.33 3.35 15.85
N LEU A 284 21.97 2.93 17.06
CA LEU A 284 20.75 3.33 17.70
C LEU A 284 21.07 3.99 19.05
N VAL A 285 20.60 5.22 19.25
CA VAL A 285 20.66 5.83 20.57
C VAL A 285 19.40 5.45 21.36
N CYS A 286 19.58 4.99 22.60
CA CYS A 286 18.49 4.66 23.53
C CYS A 286 18.42 5.76 24.56
N ALA A 287 17.25 6.39 24.70
CA ALA A 287 17.11 7.48 25.67
C ALA A 287 15.72 7.49 26.33
N ASP A 288 15.50 8.45 27.23
CA ASP A 288 14.22 8.56 27.91
C ASP A 288 13.08 9.14 27.09
N SER A 289 13.40 9.75 25.95
CA SER A 289 12.39 10.28 25.05
C SER A 289 12.91 10.30 23.64
N GLU A 290 11.98 10.33 22.71
CA GLU A 290 12.36 10.47 21.29
C GLU A 290 13.18 11.74 21.07
N ALA A 291 12.75 12.86 21.65
CA ALA A 291 13.47 14.11 21.48
C ALA A 291 14.92 14.04 22.00
N ASN A 292 15.10 13.48 23.18
CA ASN A 292 16.47 13.31 23.71
C ASN A 292 17.30 12.32 22.91
N ALA A 293 16.70 11.24 22.42
CA ALA A 293 17.44 10.29 21.61
C ALA A 293 17.91 10.95 20.30
N ARG A 294 17.01 11.69 19.66
CA ARG A 294 17.35 12.35 18.39
C ARG A 294 18.45 13.37 18.60
N ALA A 295 18.37 14.17 19.68
CA ALA A 295 19.42 15.17 19.90
C ALA A 295 20.80 14.51 20.04
N ALA A 296 20.84 13.40 20.78
CA ALA A 296 22.10 12.71 21.00
C ALA A 296 22.59 11.99 19.75
N ALA A 297 21.67 11.48 18.94
CA ALA A 297 22.06 10.82 17.71
C ALA A 297 22.84 11.76 16.80
N GLU A 298 22.50 13.05 16.83
CA GLU A 298 23.24 14.03 16.02
C GLU A 298 24.70 14.15 16.45
N LYS A 299 25.03 13.78 17.68
CA LYS A 299 26.40 13.90 18.18
C LYS A 299 27.24 12.63 18.02
N VAL A 300 26.64 11.53 17.54
CA VAL A 300 27.42 10.31 17.30
C VAL A 300 28.22 10.56 16.03
N LYS A 301 29.53 10.28 16.07
CA LYS A 301 30.43 10.57 14.95
C LYS A 301 30.80 9.27 14.26
N VAL A 302 30.54 9.19 12.97
CA VAL A 302 30.91 8.03 12.18
C VAL A 302 32.07 8.39 11.27
N ASP A 303 33.15 7.61 11.34
CA ASP A 303 34.33 7.82 10.51
C ASP A 303 34.15 6.91 9.30
N LEU A 304 34.03 7.54 8.12
CA LEU A 304 33.71 6.89 6.83
C LEU A 304 34.72 7.23 5.77
N GLU A 305 34.92 6.30 4.84
CA GLU A 305 35.64 6.53 3.59
C GLU A 305 34.60 6.49 2.47
N GLU A 306 34.18 7.66 1.98
CA GLU A 306 33.12 7.69 0.96
C GLU A 306 33.64 7.07 -0.33
N LEU A 307 32.77 6.29 -0.99
CA LEU A 307 33.04 5.62 -2.25
C LEU A 307 32.11 6.19 -3.32
N PRO A 308 32.56 6.13 -4.60
CA PRO A 308 31.67 6.47 -5.69
C PRO A 308 30.41 5.64 -5.66
N ALA A 309 29.29 6.29 -5.83
CA ALA A 309 27.99 5.65 -5.72
C ALA A 309 27.35 5.52 -7.08
N TYR A 310 26.63 4.42 -7.31
CA TYR A 310 25.90 4.23 -8.55
C TYR A 310 24.42 4.48 -8.27
N MET A 311 23.89 5.57 -8.82
CA MET A 311 22.58 6.04 -8.44
C MET A 311 21.49 5.74 -9.43
N SER A 312 21.78 4.87 -10.41
CA SER A 312 20.77 4.38 -11.31
C SER A 312 21.17 3.00 -11.79
N GLY A 313 20.19 2.27 -12.30
CA GLY A 313 20.43 0.93 -12.84
C GLY A 313 21.48 0.89 -13.96
N PRO A 314 21.30 1.72 -14.99
CA PRO A 314 22.28 1.70 -16.05
C PRO A 314 23.69 1.99 -15.56
N ALA A 315 23.85 2.90 -14.61
CA ALA A 315 25.19 3.18 -14.09
C ALA A 315 25.81 1.95 -13.43
N ALA A 316 25.03 1.32 -12.56
CA ALA A 316 25.55 0.17 -11.81
C ALA A 316 25.76 -1.06 -12.68
N ALA A 317 25.01 -1.14 -13.80
CA ALA A 317 25.08 -2.32 -14.69
C ALA A 317 26.20 -2.26 -15.73
N ALA A 318 26.93 -1.16 -15.76
CA ALA A 318 27.98 -0.97 -16.76
C ALA A 318 28.98 -2.14 -16.59
N GLU A 319 29.54 -2.67 -17.69
CA GLU A 319 30.40 -3.86 -17.59
C GLU A 319 31.58 -3.65 -16.64
N ASP A 320 32.11 -2.43 -16.56
CA ASP A 320 33.24 -2.13 -15.68
C ASP A 320 32.91 -1.53 -14.32
N ALA A 321 31.64 -1.56 -13.91
CA ALA A 321 31.26 -0.98 -12.62
C ALA A 321 31.83 -1.80 -11.46
N ILE A 322 32.14 -1.13 -10.37
CA ILE A 322 32.72 -1.78 -9.21
C ILE A 322 31.58 -2.47 -8.44
N GLU A 323 31.86 -3.70 -8.00
CA GLU A 323 30.90 -4.48 -7.23
C GLU A 323 30.57 -3.83 -5.88
N ILE A 324 29.31 -3.46 -5.70
CA ILE A 324 28.82 -2.86 -4.47
C ILE A 324 28.93 -3.88 -3.30
N HIS A 325 28.56 -5.14 -3.61
CA HIS A 325 28.75 -6.25 -2.70
C HIS A 325 29.91 -7.07 -3.22
N PRO A 326 31.12 -6.82 -2.67
CA PRO A 326 32.28 -7.46 -3.27
C PRO A 326 32.11 -8.98 -3.35
N GLY A 327 32.34 -9.53 -4.52
CA GLY A 327 32.17 -10.95 -4.80
C GLY A 327 30.88 -11.32 -5.49
N THR A 328 29.97 -10.36 -5.67
CA THR A 328 28.72 -10.58 -6.39
C THR A 328 28.65 -9.51 -7.47
N PRO A 329 28.41 -9.91 -8.73
CA PRO A 329 28.22 -8.85 -9.75
C PRO A 329 27.03 -7.97 -9.44
N ASN A 330 27.11 -6.68 -9.80
CA ASN A 330 25.96 -5.80 -9.59
C ASN A 330 24.71 -6.32 -10.30
N VAL A 331 24.84 -6.80 -11.52
CA VAL A 331 23.70 -7.49 -12.17
C VAL A 331 23.67 -8.91 -11.67
N TYR A 332 22.77 -9.15 -10.71
CA TYR A 332 22.82 -10.41 -9.96
C TYR A 332 21.74 -11.43 -10.35
N PHE A 333 20.84 -11.06 -11.24
CA PHE A 333 19.77 -11.98 -11.65
C PHE A 333 19.28 -11.64 -13.06
N GLU A 334 18.99 -12.69 -13.84
CA GLU A 334 18.33 -12.53 -15.12
C GLU A 334 17.19 -13.52 -15.24
N GLN A 335 16.06 -13.08 -15.78
CA GLN A 335 14.93 -13.96 -16.07
C GLN A 335 14.58 -13.88 -17.55
N PRO A 336 14.79 -14.97 -18.30
CA PRO A 336 14.33 -14.98 -19.67
C PRO A 336 12.82 -15.29 -19.77
N ILE A 337 12.21 -14.89 -20.87
CA ILE A 337 10.86 -15.31 -21.25
C ILE A 337 10.98 -15.81 -22.68
N VAL A 338 10.66 -17.10 -22.86
CA VAL A 338 10.83 -17.79 -24.13
C VAL A 338 9.54 -18.57 -24.41
N LYS A 339 8.64 -17.98 -25.20
CA LYS A 339 7.35 -18.60 -25.51
C LYS A 339 7.24 -18.75 -27.03
N GLY A 340 6.85 -19.93 -27.51
CA GLY A 340 6.62 -20.09 -28.94
C GLY A 340 7.88 -19.98 -29.77
N GLU A 341 7.72 -19.51 -31.01
CA GLU A 341 8.78 -19.52 -32.00
C GLU A 341 9.70 -18.31 -31.90
N ASP A 342 10.86 -18.42 -32.53
CA ASP A 342 11.84 -17.32 -32.53
C ASP A 342 11.18 -16.09 -33.13
N THR A 343 11.38 -14.94 -32.49
CA THR A 343 10.64 -13.72 -32.85
C THR A 343 11.30 -12.95 -34.02
N GLY A 344 12.60 -13.09 -34.20
CA GLY A 344 13.30 -12.32 -35.23
C GLY A 344 12.67 -12.46 -36.61
N PRO A 345 12.46 -13.70 -37.07
CA PRO A 345 11.87 -13.88 -38.39
C PRO A 345 10.43 -13.36 -38.48
N ILE A 346 9.71 -13.42 -37.38
CA ILE A 346 8.34 -12.97 -37.37
C ILE A 346 8.29 -11.45 -37.47
N PHE A 347 9.18 -10.75 -36.76
CA PHE A 347 9.29 -9.30 -36.91
C PHE A 347 9.68 -8.91 -38.33
N ALA A 348 10.64 -9.64 -38.92
CA ALA A 348 11.07 -9.35 -40.27
C ALA A 348 9.95 -9.43 -41.28
N SER A 349 9.05 -10.40 -41.15
CA SER A 349 8.01 -10.62 -42.18
C SER A 349 6.65 -10.00 -41.83
N ALA A 350 6.54 -9.37 -40.65
CA ALA A 350 5.27 -8.78 -40.22
C ALA A 350 4.83 -7.55 -41.00
N ASP A 351 3.52 -7.37 -41.13
CA ASP A 351 2.97 -6.19 -41.78
C ASP A 351 3.38 -4.94 -41.06
N VAL A 352 3.35 -4.96 -39.72
CA VAL A 352 3.65 -3.76 -38.94
C VAL A 352 4.43 -4.15 -37.69
N THR A 353 5.37 -3.31 -37.33
CA THR A 353 6.07 -3.46 -36.07
C THR A 353 6.18 -2.11 -35.39
N VAL A 354 6.22 -2.14 -34.06
CA VAL A 354 6.47 -0.93 -33.26
C VAL A 354 7.41 -1.26 -32.11
N GLU A 355 8.11 -0.24 -31.64
CA GLU A 355 9.08 -0.36 -30.58
C GLU A 355 9.07 0.90 -29.74
N GLY A 356 9.28 0.75 -28.44
CA GLY A 356 9.50 1.90 -27.59
C GLY A 356 10.41 1.64 -26.40
N ASP A 357 11.03 2.71 -25.92
CA ASP A 357 11.82 2.74 -24.70
C ASP A 357 11.02 3.49 -23.66
N PHE A 358 10.78 2.87 -22.51
CA PHE A 358 9.94 3.43 -21.45
C PHE A 358 10.66 3.40 -20.10
N TYR A 359 10.20 4.23 -19.18
CA TYR A 359 10.73 4.28 -17.83
C TYR A 359 9.64 4.57 -16.83
N VAL A 360 9.60 3.76 -15.77
CA VAL A 360 8.77 4.01 -14.57
C VAL A 360 9.75 4.02 -13.41
N GLY A 361 9.64 5.03 -12.53
CA GLY A 361 10.67 5.32 -11.53
C GLY A 361 10.38 4.86 -10.10
N ARG A 362 11.04 5.57 -9.19
CA ARG A 362 11.17 5.11 -7.81
C ARG A 362 10.01 5.64 -6.96
N GLN A 363 8.80 5.20 -7.26
CA GLN A 363 7.62 5.79 -6.63
C GLN A 363 7.67 5.57 -5.10
N PRO A 364 7.41 6.65 -4.33
CA PRO A 364 7.38 6.51 -2.88
C PRO A 364 5.97 6.23 -2.35
N HIS A 365 5.88 5.30 -1.42
CA HIS A 365 4.58 4.82 -0.91
C HIS A 365 3.74 5.94 -0.30
N MET A 366 4.38 6.78 0.48
CA MET A 366 3.72 7.92 1.13
C MET A 366 2.41 7.58 1.87
N PRO A 367 2.49 6.63 2.82
CA PRO A 367 1.40 6.50 3.79
C PRO A 367 1.39 7.76 4.65
N ILE A 368 0.22 8.09 5.19
CA ILE A 368 0.16 9.27 6.04
C ILE A 368 0.91 9.04 7.39
N GLU A 369 0.93 7.77 7.87
CA GLU A 369 1.65 7.40 9.08
C GLU A 369 3.07 6.93 8.73
N PRO A 370 4.10 7.60 9.23
CA PRO A 370 5.46 7.14 9.04
C PRO A 370 5.76 5.89 9.88
N ASP A 371 6.78 5.14 9.47
CA ASP A 371 7.07 3.87 10.08
C ASP A 371 7.33 3.99 11.59
N VAL A 372 6.91 2.97 12.30
CA VAL A 372 7.01 2.93 13.75
C VAL A 372 6.92 1.48 14.21
N ALA A 373 7.67 1.15 15.26
CA ALA A 373 7.67 -0.19 15.81
C ALA A 373 8.18 -0.15 17.24
N PHE A 374 7.91 -1.21 17.98
CA PHE A 374 8.46 -1.37 19.31
C PHE A 374 8.73 -2.83 19.62
N ALA A 375 9.50 -3.07 20.68
CA ALA A 375 9.83 -4.43 21.07
C ALA A 375 10.09 -4.49 22.56
N TYR A 376 10.05 -5.69 23.11
CA TYR A 376 10.31 -5.92 24.54
C TYR A 376 10.57 -7.40 24.78
N MET A 377 11.16 -7.69 25.92
CA MET A 377 11.36 -9.06 26.33
C MET A 377 10.17 -9.42 27.20
N GLY A 378 9.46 -10.47 26.80
CA GLY A 378 8.30 -10.91 27.57
C GLY A 378 8.73 -11.60 28.85
N ASP A 379 7.78 -11.79 29.76
CA ASP A 379 8.11 -12.46 31.02
C ASP A 379 8.35 -13.95 30.75
N ASP A 380 7.86 -14.42 29.59
CA ASP A 380 8.14 -15.79 29.09
C ASP A 380 9.52 -16.00 28.47
N GLY A 381 10.35 -14.96 28.45
CA GLY A 381 11.69 -15.05 27.87
C GLY A 381 11.80 -14.78 26.36
N LYS A 382 10.66 -14.66 25.70
CA LYS A 382 10.64 -14.43 24.25
C LYS A 382 10.77 -12.95 23.97
N CYS A 383 11.25 -12.62 22.77
CA CYS A 383 11.30 -11.25 22.28
C CYS A 383 10.06 -10.97 21.46
N TYR A 384 9.32 -9.92 21.81
CA TYR A 384 8.12 -9.52 21.11
C TYR A 384 8.39 -8.26 20.30
N ILE A 385 7.96 -8.24 19.05
CA ILE A 385 8.03 -7.09 18.16
C ILE A 385 6.62 -6.76 17.68
N HIS A 386 6.23 -5.48 17.80
CA HIS A 386 4.94 -4.98 17.34
C HIS A 386 5.25 -3.90 16.32
N SER A 387 4.81 -4.08 15.08
CA SER A 387 5.21 -3.20 13.99
C SER A 387 4.14 -3.08 12.91
N LYS A 388 4.51 -2.43 11.82
CA LYS A 388 3.62 -2.36 10.65
C LYS A 388 3.84 -3.55 9.67
N SER A 389 4.46 -4.65 10.10
CA SER A 389 4.64 -5.80 9.25
C SER A 389 3.31 -6.24 8.68
N ILE A 390 3.29 -6.47 7.37
CA ILE A 390 2.11 -7.11 6.76
C ILE A 390 2.41 -8.56 6.37
N GLY A 391 3.49 -9.10 6.92
CA GLY A 391 3.84 -10.53 6.82
C GLY A 391 4.56 -11.00 8.04
N VAL A 392 3.83 -11.20 9.13
CA VAL A 392 4.48 -11.40 10.43
C VAL A 392 5.29 -12.69 10.45
N HIS A 393 4.75 -13.77 9.87
CA HIS A 393 5.49 -15.03 9.82
C HIS A 393 6.69 -14.89 8.89
N LEU A 394 6.51 -14.24 7.75
CA LEU A 394 7.58 -14.03 6.78
C LEU A 394 8.74 -13.27 7.43
N HIS A 395 8.42 -12.17 8.09
CA HIS A 395 9.45 -11.36 8.69
C HIS A 395 10.14 -12.04 9.84
N LEU A 396 9.43 -12.86 10.61
CA LEU A 396 10.07 -13.63 11.69
C LEU A 396 11.25 -14.43 11.14
N TYR A 397 11.03 -15.14 10.03
CA TYR A 397 12.08 -15.98 9.48
C TYR A 397 13.16 -15.14 8.72
N MET A 398 12.80 -13.98 8.21
CA MET A 398 13.77 -13.10 7.56
C MET A 398 14.76 -12.50 8.55
N ILE A 399 14.35 -12.29 9.80
CA ILE A 399 15.21 -11.58 10.76
C ILE A 399 15.76 -12.42 11.91
N ALA A 400 15.17 -13.59 12.20
CA ALA A 400 15.57 -14.37 13.38
C ALA A 400 17.07 -14.74 13.38
N PRO A 401 17.61 -15.26 12.26
CA PRO A 401 19.04 -15.58 12.31
C PRO A 401 19.92 -14.35 12.52
N GLY A 402 19.53 -13.22 11.96
CA GLY A 402 20.29 -12.00 12.09
C GLY A 402 20.30 -11.46 13.52
N VAL A 403 19.17 -11.50 14.20
CA VAL A 403 19.11 -11.04 15.59
C VAL A 403 19.61 -12.06 16.62
N GLY A 404 19.75 -13.33 16.20
CA GLY A 404 20.31 -14.37 17.05
C GLY A 404 19.27 -15.09 17.91
N LEU A 405 18.07 -15.30 17.35
CA LEU A 405 17.01 -16.03 18.05
C LEU A 405 16.51 -17.19 17.22
N GLU A 406 16.17 -18.28 17.90
CA GLU A 406 15.45 -19.36 17.23
C GLU A 406 14.03 -18.86 17.03
N PRO A 407 13.33 -19.41 16.03
CA PRO A 407 12.00 -18.91 15.67
C PRO A 407 10.98 -18.98 16.78
N ASP A 408 11.10 -19.97 17.67
CA ASP A 408 10.14 -20.09 18.78
C ASP A 408 10.38 -19.02 19.86
N GLN A 409 11.49 -18.29 19.79
CA GLN A 409 11.85 -17.33 20.81
C GLN A 409 11.55 -15.89 20.41
N LEU A 410 10.95 -15.70 19.23
CA LEU A 410 10.62 -14.39 18.72
C LEU A 410 9.14 -14.41 18.34
N VAL A 411 8.42 -13.33 18.64
CA VAL A 411 7.00 -13.20 18.29
C VAL A 411 6.80 -11.87 17.60
N LEU A 412 6.19 -11.90 16.41
CA LEU A 412 5.86 -10.70 15.67
C LEU A 412 4.36 -10.51 15.63
N VAL A 413 3.96 -9.27 15.87
CA VAL A 413 2.56 -8.83 15.95
C VAL A 413 2.41 -7.60 15.05
N ALA A 414 1.32 -7.54 14.31
CA ALA A 414 0.97 -6.38 13.50
C ALA A 414 0.11 -5.41 14.33
N ASN A 415 0.63 -4.23 14.59
CA ASN A 415 -0.15 -3.12 15.14
C ASN A 415 -1.20 -2.66 14.14
N PRO A 416 -2.26 -2.00 14.62
CA PRO A 416 -3.06 -1.18 13.69
C PRO A 416 -2.13 -0.22 12.99
N MET A 417 -2.34 -0.02 11.69
CA MET A 417 -1.38 0.77 10.91
C MET A 417 -2.02 1.68 9.88
N GLY A 418 -1.37 2.81 9.66
CA GLY A 418 -1.85 3.87 8.76
C GLY A 418 -1.36 3.77 7.34
N GLY A 419 -1.54 2.58 6.74
CA GLY A 419 -1.20 2.37 5.33
C GLY A 419 0.24 1.91 5.15
N THR A 420 0.47 1.14 4.08
CA THR A 420 1.81 0.73 3.67
C THR A 420 1.97 0.70 2.15
N PHE A 421 0.94 0.18 1.46
CA PHE A 421 1.00 0.09 -0.01
C PHE A 421 2.16 -0.73 -0.50
N GLY A 422 2.64 -1.64 0.34
CA GLY A 422 3.65 -2.62 0.00
C GLY A 422 4.98 -2.45 0.70
N TYR A 423 5.31 -1.26 1.23
CA TYR A 423 6.66 -1.05 1.74
C TYR A 423 6.89 -2.00 2.92
N LYS A 424 5.83 -2.46 3.58
CA LYS A 424 5.93 -3.36 4.69
C LYS A 424 5.87 -4.84 4.32
N PHE A 425 6.01 -5.14 3.02
CA PHE A 425 6.42 -6.50 2.63
C PHE A 425 7.85 -6.71 3.02
N SER A 426 8.59 -5.62 3.22
CA SER A 426 10.00 -5.66 3.70
C SER A 426 10.07 -5.41 5.21
N PRO A 427 11.02 -6.02 5.89
CA PRO A 427 11.41 -5.54 7.22
C PRO A 427 11.94 -4.11 7.07
N THR A 428 11.59 -3.26 8.02
CA THR A 428 12.15 -1.92 8.12
C THR A 428 12.81 -1.75 9.49
N SER A 429 12.00 -1.67 10.54
CA SER A 429 12.45 -1.35 11.89
C SER A 429 12.45 -2.55 12.82
N GLU A 430 11.97 -3.72 12.35
CA GLU A 430 11.75 -4.85 13.24
C GLU A 430 13.03 -5.39 13.85
N ALA A 431 14.05 -5.55 13.02
CA ALA A 431 15.30 -6.09 13.54
C ALA A 431 16.04 -5.08 14.40
N LEU A 432 15.93 -3.79 14.06
CA LEU A 432 16.48 -2.71 14.88
C LEU A 432 15.90 -2.72 16.29
N VAL A 433 14.57 -2.71 16.40
CA VAL A 433 13.98 -2.73 17.74
C VAL A 433 14.29 -4.04 18.48
N ALA A 434 14.30 -5.19 17.79
CA ALA A 434 14.64 -6.44 18.45
C ALA A 434 16.06 -6.40 19.06
N VAL A 435 17.01 -5.94 18.26
CA VAL A 435 18.38 -5.86 18.73
C VAL A 435 18.48 -4.99 20.00
N ALA A 436 17.79 -3.85 19.99
CA ALA A 436 17.83 -2.96 21.14
C ALA A 436 17.13 -3.51 22.38
N ALA A 437 15.97 -4.18 22.18
CA ALA A 437 15.32 -4.82 23.30
C ALA A 437 16.17 -5.91 23.92
N MET A 438 16.78 -6.72 23.07
CA MET A 438 17.63 -7.83 23.52
C MET A 438 18.87 -7.32 24.27
N ALA A 439 19.47 -6.25 23.75
CA ALA A 439 20.71 -5.71 24.30
C ALA A 439 20.48 -5.02 25.64
N THR A 440 19.39 -4.26 25.75
CA THR A 440 19.10 -3.50 26.99
C THR A 440 18.26 -4.26 28.00
N GLY A 441 17.49 -5.24 27.53
CA GLY A 441 16.49 -5.95 28.34
C GLY A 441 15.24 -5.14 28.62
N ARG A 442 15.16 -3.94 28.06
CA ARG A 442 14.10 -2.97 28.37
C ARG A 442 13.17 -2.88 27.14
N PRO A 443 11.91 -2.45 27.34
CA PRO A 443 11.09 -2.09 26.21
C PRO A 443 11.68 -0.92 25.43
N VAL A 444 11.60 -0.99 24.11
CA VAL A 444 12.11 0.04 23.22
C VAL A 444 11.06 0.39 22.21
N HIS A 445 11.06 1.65 21.79
CA HIS A 445 10.12 2.20 20.81
C HIS A 445 10.88 3.08 19.85
N LEU A 446 10.65 2.88 18.54
CA LEU A 446 11.29 3.62 17.45
C LEU A 446 10.26 4.19 16.48
N ARG A 447 10.20 5.51 16.38
CA ARG A 447 9.33 6.20 15.45
C ARG A 447 10.17 6.93 14.41
N TYR A 448 9.93 6.64 13.14
CA TYR A 448 10.51 7.39 12.05
C TYR A 448 9.77 8.70 11.85
N ASN A 449 10.50 9.77 11.50
CA ASN A 449 9.84 10.98 11.05
C ASN A 449 9.61 10.85 9.54
N TYR A 450 8.96 11.84 8.92
CA TYR A 450 8.56 11.66 7.52
C TYR A 450 9.75 11.64 6.56
N GLN A 451 10.81 12.34 6.92
CA GLN A 451 12.03 12.32 6.10
C GLN A 451 12.63 10.93 6.08
N GLN A 452 12.60 10.27 7.23
CA GLN A 452 13.11 8.89 7.36
C GLN A 452 12.19 7.89 6.64
N GLN A 453 10.88 8.13 6.72
CA GLN A 453 9.93 7.33 5.95
C GLN A 453 10.24 7.42 4.46
N GLN A 454 10.56 8.61 3.97
CA GLN A 454 10.87 8.77 2.56
C GLN A 454 12.26 8.21 2.21
N GLN A 455 13.28 8.57 2.98
CA GLN A 455 14.65 8.21 2.64
C GLN A 455 15.03 6.77 2.99
N TYR A 456 14.40 6.21 4.02
CA TYR A 456 14.89 5.00 4.64
C TYR A 456 13.76 3.98 4.86
N THR A 457 12.84 3.95 3.90
CA THR A 457 12.05 2.74 3.66
C THR A 457 12.18 2.44 2.19
N GLY A 458 11.86 1.22 1.79
CA GLY A 458 12.07 0.84 0.39
C GLY A 458 11.10 1.50 -0.54
N LYS A 459 11.33 1.32 -1.83
CA LYS A 459 10.61 2.08 -2.88
C LYS A 459 10.23 1.16 -4.02
N ARG A 460 9.23 1.57 -4.80
CA ARG A 460 9.05 0.94 -6.12
C ARG A 460 10.39 1.00 -6.84
N SER A 461 10.78 -0.12 -7.45
CA SER A 461 12.07 -0.17 -8.15
C SER A 461 11.94 0.36 -9.57
N PRO A 462 12.78 1.33 -9.95
CA PRO A 462 12.74 1.82 -11.36
C PRO A 462 13.01 0.69 -12.34
N TRP A 463 12.30 0.71 -13.48
CA TRP A 463 12.61 -0.17 -14.59
C TRP A 463 12.83 0.65 -15.87
N GLU A 464 13.96 0.39 -16.49
CA GLU A 464 14.27 0.86 -17.86
C GLU A 464 13.83 -0.28 -18.78
N MET A 465 12.96 -0.01 -19.76
CA MET A 465 12.31 -1.05 -20.54
C MET A 465 12.33 -0.72 -22.03
N ASN A 466 12.54 -1.75 -22.83
CA ASN A 466 12.34 -1.67 -24.29
C ASN A 466 11.39 -2.80 -24.64
N VAL A 467 10.28 -2.49 -25.30
CA VAL A 467 9.30 -3.48 -25.71
C VAL A 467 8.98 -3.24 -27.20
N LYS A 468 8.76 -4.35 -27.92
CA LYS A 468 8.47 -4.34 -29.36
C LYS A 468 7.28 -5.27 -29.64
N PHE A 469 6.42 -4.88 -30.58
CA PHE A 469 5.34 -5.75 -31.08
C PHE A 469 5.44 -5.90 -32.60
N ALA A 470 5.10 -7.09 -33.08
CA ALA A 470 4.90 -7.39 -34.50
C ALA A 470 3.43 -7.81 -34.66
N ALA A 471 2.78 -7.31 -35.69
CA ALA A 471 1.34 -7.56 -35.88
C ALA A 471 0.97 -7.61 -37.36
N LYS A 472 -0.18 -8.22 -37.64
CA LYS A 472 -0.80 -8.17 -38.95
C LYS A 472 -1.51 -6.83 -39.16
N LYS A 473 -1.81 -6.50 -40.41
CA LYS A 473 -2.55 -5.30 -40.74
C LYS A 473 -3.89 -5.21 -40.03
N ASP A 474 -4.52 -6.38 -39.82
CA ASP A 474 -5.81 -6.40 -39.09
C ASP A 474 -5.69 -6.21 -37.60
N GLY A 475 -4.47 -6.02 -37.11
CA GLY A 475 -4.22 -5.82 -35.70
C GLY A 475 -3.86 -7.04 -34.89
N THR A 476 -3.93 -8.23 -35.47
CA THR A 476 -3.58 -9.44 -34.71
C THR A 476 -2.10 -9.42 -34.30
N LEU A 477 -1.83 -9.45 -32.99
CA LEU A 477 -0.46 -9.58 -32.52
C LEU A 477 0.11 -10.92 -32.92
N LEU A 478 1.35 -10.87 -33.40
CA LEU A 478 2.15 -12.03 -33.78
C LEU A 478 3.29 -12.36 -32.81
N ALA A 479 3.93 -11.33 -32.29
CA ALA A 479 5.12 -11.56 -31.47
C ALA A 479 5.45 -10.34 -30.64
N MET A 480 6.19 -10.58 -29.56
CA MET A 480 6.68 -9.52 -28.69
C MET A 480 8.14 -9.80 -28.35
N GLU A 481 8.92 -8.73 -28.27
CA GLU A 481 10.27 -8.78 -27.67
C GLU A 481 10.33 -7.79 -26.51
N SER A 482 11.03 -8.16 -25.44
CA SER A 482 11.08 -7.32 -24.24
C SER A 482 12.44 -7.35 -23.55
N ASP A 483 12.83 -6.23 -23.01
CA ASP A 483 14.08 -6.10 -22.24
C ASP A 483 13.82 -5.16 -21.10
N TRP A 484 14.11 -5.58 -19.88
CA TRP A 484 13.94 -4.69 -18.74
C TRP A 484 15.09 -4.82 -17.75
N LEU A 485 15.45 -3.69 -17.17
CA LEU A 485 16.50 -3.56 -16.19
C LEU A 485 15.91 -2.97 -14.93
N VAL A 486 16.00 -3.71 -13.84
CA VAL A 486 15.36 -3.38 -12.56
C VAL A 486 16.40 -2.88 -11.57
N ASP A 487 16.28 -1.62 -11.18
CA ASP A 487 17.19 -0.98 -10.21
C ASP A 487 16.63 -1.27 -8.83
N HIS A 488 17.27 -2.17 -8.10
CA HIS A 488 16.69 -2.63 -6.82
C HIS A 488 17.37 -2.04 -5.61
N GLY A 489 18.20 -1.00 -5.81
CA GLY A 489 18.96 -0.50 -4.69
C GLY A 489 19.90 -1.61 -4.16
N PRO A 490 20.33 -1.49 -2.89
CA PRO A 490 21.45 -2.37 -2.47
C PRO A 490 21.03 -3.72 -1.86
N TYR A 491 19.74 -3.86 -1.54
CA TYR A 491 19.28 -4.99 -0.77
C TYR A 491 18.37 -5.86 -1.66
N SER A 492 18.75 -7.12 -1.77
CA SER A 492 18.22 -8.04 -2.75
C SER A 492 16.81 -8.58 -2.50
N GLU A 493 16.30 -8.48 -1.28
CA GLU A 493 15.08 -9.16 -0.97
C GLU A 493 13.98 -8.96 -2.02
N PHE A 494 13.52 -10.11 -2.56
CA PHE A 494 12.42 -10.17 -3.55
C PHE A 494 12.71 -9.43 -4.86
N GLY A 495 13.96 -9.08 -5.11
CA GLY A 495 14.33 -8.40 -6.36
C GLY A 495 14.24 -9.30 -7.58
N ASP A 496 14.74 -10.53 -7.42
CA ASP A 496 14.62 -11.53 -8.46
C ASP A 496 13.15 -11.81 -8.84
N LEU A 497 12.33 -11.97 -7.83
CA LEU A 497 10.90 -12.19 -8.01
C LEU A 497 10.24 -11.01 -8.73
N LEU A 498 10.59 -9.79 -8.34
CA LEU A 498 10.04 -8.61 -9.01
C LEU A 498 10.41 -8.63 -10.49
N THR A 499 11.62 -9.06 -10.78
CA THR A 499 12.10 -9.11 -12.16
C THR A 499 11.31 -10.16 -12.96
N LEU A 500 11.01 -11.29 -12.34
CA LEU A 500 10.16 -12.31 -12.95
C LEU A 500 8.77 -11.78 -13.30
N ARG A 501 8.25 -10.83 -12.54
CA ARG A 501 6.94 -10.23 -12.84
C ARG A 501 6.90 -9.66 -14.26
N GLY A 502 8.05 -9.19 -14.77
CA GLY A 502 8.15 -8.67 -16.12
C GLY A 502 7.86 -9.69 -17.19
N ALA A 503 8.34 -10.91 -16.95
CA ALA A 503 8.03 -12.02 -17.87
C ALA A 503 6.54 -12.37 -17.85
N GLN A 504 5.93 -12.26 -16.68
CA GLN A 504 4.52 -12.58 -16.53
C GLN A 504 3.56 -11.52 -17.04
N PHE A 505 3.93 -10.24 -16.92
CA PHE A 505 2.98 -9.13 -17.13
C PHE A 505 3.25 -8.17 -18.30
N ILE A 506 4.48 -8.11 -18.83
CA ILE A 506 4.67 -7.32 -20.04
C ILE A 506 3.83 -7.97 -21.14
N GLY A 507 2.91 -7.20 -21.71
CA GLY A 507 1.99 -7.69 -22.74
C GLY A 507 0.81 -8.49 -22.24
N ALA A 508 0.62 -8.60 -20.94
CA ALA A 508 -0.52 -9.33 -20.46
C ALA A 508 -1.84 -8.70 -20.97
N GLY A 509 -2.83 -9.55 -21.17
CA GLY A 509 -4.18 -9.16 -21.58
C GLY A 509 -4.54 -9.72 -22.96
N TYR A 510 -3.52 -10.08 -23.75
CA TYR A 510 -3.66 -10.40 -25.16
C TYR A 510 -3.08 -11.77 -25.49
N ASN A 511 -3.59 -12.43 -26.54
CA ASN A 511 -2.91 -13.62 -27.03
C ASN A 511 -1.66 -13.22 -27.80
N ILE A 512 -0.49 -13.58 -27.29
CA ILE A 512 0.79 -13.33 -27.99
C ILE A 512 1.52 -14.66 -28.07
N PRO A 513 1.50 -15.29 -29.25
CA PRO A 513 2.01 -16.69 -29.23
C PRO A 513 3.52 -16.82 -29.12
N ASN A 514 4.25 -15.78 -29.53
CA ASN A 514 5.70 -15.85 -29.65
C ASN A 514 6.34 -14.68 -28.91
N ILE A 515 7.13 -14.99 -27.88
CA ILE A 515 7.74 -13.98 -27.04
C ILE A 515 9.21 -14.34 -26.82
N ARG A 516 10.09 -13.34 -26.95
CA ARG A 516 11.48 -13.48 -26.53
C ARG A 516 11.87 -12.24 -25.74
N GLY A 517 12.27 -12.44 -24.48
CA GLY A 517 12.62 -11.31 -23.66
C GLY A 517 13.56 -11.68 -22.50
N LEU A 518 14.07 -10.65 -21.87
CA LEU A 518 15.03 -10.80 -20.77
C LEU A 518 14.95 -9.68 -19.77
N GLY A 519 14.71 -10.04 -18.51
CA GLY A 519 14.77 -9.12 -17.37
C GLY A 519 16.05 -9.32 -16.61
N ARG A 520 16.61 -8.20 -16.14
CA ARG A 520 17.85 -8.22 -15.36
CA ARG A 520 17.85 -8.21 -15.37
C ARG A 520 17.66 -7.37 -14.11
N THR A 521 18.15 -7.87 -12.98
CA THR A 521 18.13 -7.15 -11.71
C THR A 521 19.51 -6.63 -11.39
N VAL A 522 19.61 -5.36 -11.01
CA VAL A 522 20.87 -4.74 -10.65
C VAL A 522 20.83 -4.05 -9.27
N ALA A 523 21.86 -4.32 -8.47
CA ALA A 523 22.10 -3.58 -7.23
C ALA A 523 22.62 -2.19 -7.56
N THR A 524 22.12 -1.19 -6.84
CA THR A 524 22.59 0.20 -6.92
C THR A 524 22.69 0.76 -5.51
N ASN A 525 23.15 2.01 -5.40
CA ASN A 525 23.19 2.71 -4.13
C ASN A 525 22.04 3.67 -3.89
N HIS A 526 21.02 3.64 -4.75
CA HIS A 526 19.77 4.36 -4.48
C HIS A 526 18.89 3.48 -3.58
N VAL A 527 17.70 3.91 -3.23
CA VAL A 527 16.94 3.26 -2.16
C VAL A 527 16.61 1.83 -2.56
N TRP A 528 16.70 0.94 -1.59
CA TRP A 528 16.38 -0.46 -1.86
C TRP A 528 14.94 -0.65 -2.24
N GLY A 529 14.72 -1.69 -3.02
CA GLY A 529 13.38 -2.01 -3.51
C GLY A 529 12.54 -2.73 -2.49
N SER A 530 11.33 -2.20 -2.24
CA SER A 530 10.32 -2.89 -1.49
C SER A 530 9.09 -2.91 -2.38
N ALA A 531 8.24 -3.92 -2.21
CA ALA A 531 7.02 -3.98 -2.99
C ALA A 531 6.25 -2.68 -2.96
N PHE A 532 5.67 -2.27 -4.08
CA PHE A 532 4.73 -1.15 -4.11
C PHE A 532 3.57 -1.69 -4.95
N ARG A 533 2.39 -1.70 -4.35
CA ARG A 533 1.13 -2.02 -4.96
C ARG A 533 1.21 -2.12 -6.49
N GLY A 534 1.12 -3.37 -6.96
CA GLY A 534 1.24 -3.67 -8.39
C GLY A 534 2.47 -4.46 -8.72
N TYR A 535 3.52 -4.22 -7.92
CA TYR A 535 4.72 -5.05 -7.85
C TYR A 535 5.11 -5.62 -9.23
N GLY A 536 5.67 -4.75 -10.04
CA GLY A 536 6.13 -5.05 -11.39
C GLY A 536 5.11 -4.82 -12.48
N ALA A 537 3.81 -4.91 -12.18
CA ALA A 537 2.81 -4.60 -13.22
C ALA A 537 2.79 -3.12 -13.61
N PRO A 538 2.93 -2.19 -12.67
CA PRO A 538 2.89 -0.79 -13.09
C PRO A 538 4.00 -0.44 -14.07
N GLN A 539 5.16 -1.06 -13.90
CA GLN A 539 6.23 -0.91 -14.85
C GLN A 539 5.92 -1.63 -16.16
N SER A 540 5.67 -2.94 -16.05
CA SER A 540 5.46 -3.82 -17.21
C SER A 540 4.36 -3.33 -18.09
N MET A 541 3.23 -3.05 -17.48
CA MET A 541 2.03 -2.69 -18.26
C MET A 541 1.99 -1.23 -18.71
N PHE A 542 2.74 -0.33 -18.06
CA PHE A 542 2.98 0.95 -18.65
C PHE A 542 3.60 0.79 -20.03
N ALA A 543 4.67 -0.02 -20.10
CA ALA A 543 5.33 -0.22 -21.37
C ALA A 543 4.38 -0.86 -22.39
N SER A 544 3.78 -1.98 -22.07
CA SER A 544 2.96 -2.67 -23.06
C SER A 544 1.69 -1.95 -23.44
N GLU A 545 1.07 -1.27 -22.49
CA GLU A 545 -0.17 -0.57 -22.78
C GLU A 545 0.05 0.75 -23.55
N CYS A 546 1.20 1.39 -23.35
CA CYS A 546 1.55 2.53 -24.20
C CYS A 546 1.89 2.01 -25.58
N LEU A 547 2.62 0.90 -25.63
CA LEU A 547 3.00 0.35 -26.92
C LEU A 547 1.78 -0.12 -27.73
N MET A 548 0.74 -0.63 -27.09
CA MET A 548 -0.49 -0.99 -27.82
C MET A 548 -1.10 0.24 -28.50
N ASP A 549 -1.09 1.39 -27.82
CA ASP A 549 -1.60 2.62 -28.44
C ASP A 549 -0.73 3.05 -29.62
N MET A 550 0.59 2.86 -29.48
CA MET A 550 1.49 3.16 -30.58
C MET A 550 1.23 2.27 -31.79
N LEU A 551 0.95 1.00 -31.53
CA LEU A 551 0.60 0.05 -32.57
C LEU A 551 -0.72 0.44 -33.24
N ALA A 552 -1.72 0.80 -32.45
CA ALA A 552 -2.98 1.27 -33.01
C ALA A 552 -2.79 2.50 -33.91
N GLU A 553 -1.95 3.44 -33.47
CA GLU A 553 -1.68 4.66 -34.24
C GLU A 553 -1.04 4.31 -35.59
N LYS A 554 -0.07 3.38 -35.55
CA LYS A 554 0.64 3.00 -36.79
C LYS A 554 -0.28 2.25 -37.76
N LEU A 555 -1.24 1.51 -37.23
CA LEU A 555 -2.25 0.82 -38.04
C LEU A 555 -3.40 1.72 -38.48
N GLY A 556 -3.52 2.91 -37.90
CA GLY A 556 -4.69 3.75 -38.13
C GLY A 556 -5.96 3.14 -37.54
N MET A 557 -5.80 2.41 -36.45
CA MET A 557 -6.91 1.72 -35.78
C MET A 557 -7.22 2.40 -34.44
N ASP A 558 -8.50 2.37 -34.07
CA ASP A 558 -8.90 2.84 -32.75
C ASP A 558 -8.27 1.95 -31.66
N PRO A 559 -7.69 2.55 -30.62
CA PRO A 559 -6.96 1.74 -29.62
C PRO A 559 -7.83 0.82 -28.76
N LEU A 560 -9.10 1.18 -28.55
CA LEU A 560 -10.00 0.24 -27.87
C LEU A 560 -10.30 -0.96 -28.77
N GLU A 561 -10.49 -0.74 -30.08
CA GLU A 561 -10.80 -1.84 -30.98
C GLU A 561 -9.58 -2.73 -31.21
N LEU A 562 -8.36 -2.17 -31.17
CA LEU A 562 -7.18 -3.02 -31.26
C LEU A 562 -7.12 -3.96 -30.06
N ARG A 563 -7.41 -3.43 -28.89
CA ARG A 563 -7.47 -4.28 -27.71
C ARG A 563 -8.57 -5.37 -27.81
N TYR A 564 -9.74 -4.96 -28.28
CA TYR A 564 -10.85 -5.92 -28.49
C TYR A 564 -10.42 -7.07 -29.39
N LYS A 565 -9.67 -6.75 -30.43
CA LYS A 565 -9.25 -7.79 -31.37
C LYS A 565 -8.35 -8.83 -30.71
N ASN A 566 -7.53 -8.40 -29.77
CA ASN A 566 -6.48 -9.26 -29.23
C ASN A 566 -6.74 -9.82 -27.83
N ALA A 567 -7.76 -9.31 -27.14
CA ALA A 567 -7.98 -9.66 -25.72
C ALA A 567 -8.25 -11.16 -25.55
N TYR A 568 -7.81 -11.69 -24.40
CA TYR A 568 -7.92 -13.13 -24.15
C TYR A 568 -9.35 -13.66 -24.42
N ARG A 569 -9.39 -14.77 -25.14
CA ARG A 569 -10.60 -15.53 -25.38
C ARG A 569 -10.25 -17.01 -25.23
N PRO A 570 -11.26 -17.87 -25.03
CA PRO A 570 -10.97 -19.31 -24.86
C PRO A 570 -10.05 -19.84 -25.94
N GLY A 571 -9.04 -20.59 -25.50
CA GLY A 571 -8.01 -21.11 -26.35
C GLY A 571 -6.69 -20.35 -26.22
N ASP A 572 -6.77 -19.08 -25.87
CA ASP A 572 -5.58 -18.26 -25.75
C ASP A 572 -4.78 -18.63 -24.52
N THR A 573 -3.52 -18.19 -24.49
CA THR A 573 -2.69 -18.27 -23.30
C THR A 573 -2.03 -16.94 -23.01
N ASN A 574 -1.72 -16.75 -21.74
CA ASN A 574 -1.00 -15.59 -21.27
C ASN A 574 0.50 -15.71 -21.55
N PRO A 575 1.29 -14.71 -21.15
CA PRO A 575 2.71 -14.79 -21.52
C PRO A 575 3.48 -16.00 -21.01
N THR A 576 3.03 -16.62 -19.92
CA THR A 576 3.73 -17.77 -19.34
C THR A 576 3.15 -19.08 -19.86
N GLY A 577 2.30 -18.99 -20.87
CA GLY A 577 1.75 -20.18 -21.52
C GLY A 577 0.54 -20.80 -20.85
N GLN A 578 -0.03 -20.08 -19.89
CA GLN A 578 -1.15 -20.58 -19.11
C GLN A 578 -2.47 -20.06 -19.67
N GLU A 579 -3.49 -20.91 -19.68
CA GLU A 579 -4.83 -20.46 -20.04
C GLU A 579 -5.41 -19.58 -18.95
N PRO A 580 -6.00 -18.42 -19.33
CA PRO A 580 -6.75 -17.67 -18.32
C PRO A 580 -7.92 -18.48 -17.77
N GLU A 581 -8.30 -18.16 -16.53
CA GLU A 581 -9.33 -18.90 -15.84
C GLU A 581 -10.76 -18.42 -16.10
N VAL A 582 -10.89 -17.15 -16.47
CA VAL A 582 -12.13 -16.54 -16.97
C VAL A 582 -11.74 -15.63 -18.13
N PHE A 583 -12.73 -15.21 -18.90
CA PHE A 583 -12.52 -14.44 -20.12
C PHE A 583 -13.49 -13.27 -20.12
N SER A 584 -13.14 -12.24 -19.38
CA SER A 584 -14.03 -11.09 -19.19
C SER A 584 -13.64 -9.82 -19.92
N LEU A 585 -12.47 -9.80 -20.54
CA LEU A 585 -12.01 -8.56 -21.19
C LEU A 585 -12.90 -8.12 -22.38
N PRO A 586 -13.31 -9.05 -23.25
CA PRO A 586 -14.24 -8.63 -24.35
C PRO A 586 -15.55 -8.04 -23.81
N ASP A 587 -16.10 -8.65 -22.75
CA ASP A 587 -17.33 -8.19 -22.10
CA ASP A 587 -17.34 -8.14 -22.14
C ASP A 587 -17.11 -6.76 -21.58
N MET A 588 -15.98 -6.57 -20.90
CA MET A 588 -15.71 -5.26 -20.30
C MET A 588 -15.52 -4.20 -21.38
N ILE A 589 -14.83 -4.54 -22.45
CA ILE A 589 -14.60 -3.62 -23.56
C ILE A 589 -15.93 -3.26 -24.24
N ASP A 590 -16.76 -4.26 -24.50
CA ASP A 590 -18.05 -4.00 -25.10
C ASP A 590 -18.89 -3.07 -24.24
N GLN A 591 -18.85 -3.25 -22.92
CA GLN A 591 -19.63 -2.39 -22.03
C GLN A 591 -19.06 -0.98 -21.88
N LEU A 592 -17.75 -0.84 -22.02
CA LEU A 592 -17.09 0.44 -21.99
C LEU A 592 -17.24 1.24 -23.31
N ARG A 593 -17.32 0.54 -24.43
CA ARG A 593 -17.28 1.16 -25.74
C ARG A 593 -18.13 2.42 -25.89
N PRO A 594 -19.43 2.38 -25.54
CA PRO A 594 -20.20 3.61 -25.77
C PRO A 594 -19.80 4.79 -24.88
N LYS A 595 -19.38 4.48 -23.65
CA LYS A 595 -18.85 5.47 -22.75
C LYS A 595 -17.57 6.08 -23.31
N TYR A 596 -16.72 5.25 -23.88
CA TYR A 596 -15.50 5.74 -24.52
C TYR A 596 -15.84 6.65 -25.70
N GLN A 597 -16.74 6.22 -26.57
CA GLN A 597 -17.15 7.04 -27.71
C GLN A 597 -17.72 8.38 -27.27
N ALA A 598 -18.59 8.36 -26.25
CA ALA A 598 -19.14 9.61 -25.72
C ALA A 598 -18.05 10.49 -25.14
N ALA A 599 -17.06 9.89 -24.48
CA ALA A 599 -15.98 10.67 -23.88
C ALA A 599 -15.12 11.32 -25.00
N LEU A 600 -14.92 10.59 -26.09
CA LEU A 600 -14.20 11.16 -27.24
C LEU A 600 -14.93 12.37 -27.79
N GLU A 601 -16.23 12.24 -27.91
CA GLU A 601 -17.02 13.37 -28.43
C GLU A 601 -17.02 14.57 -27.53
N LYS A 602 -17.14 14.34 -26.24
CA LYS A 602 -17.06 15.41 -25.24
C LYS A 602 -15.70 16.10 -25.30
N ALA A 603 -14.62 15.32 -25.41
CA ALA A 603 -13.28 15.90 -25.51
C ALA A 603 -13.12 16.78 -26.76
N GLN A 604 -13.66 16.33 -27.88
CA GLN A 604 -13.62 17.12 -29.13
C GLN A 604 -14.38 18.43 -28.92
N LYS A 605 -15.59 18.35 -28.38
CA LYS A 605 -16.44 19.55 -28.21
C LYS A 605 -15.90 20.56 -27.21
N GLU A 606 -15.27 20.09 -26.14
CA GLU A 606 -14.95 20.97 -25.02
C GLU A 606 -13.49 21.42 -25.06
N SER A 607 -12.72 20.89 -26.00
CA SER A 607 -11.33 21.34 -26.20
C SER A 607 -11.34 22.79 -26.70
N THR A 608 -10.37 23.58 -26.23
CA THR A 608 -10.18 24.96 -26.68
C THR A 608 -8.77 25.05 -27.25
N ALA A 609 -8.40 26.24 -27.73
CA ALA A 609 -7.08 26.40 -28.33
C ALA A 609 -5.95 26.15 -27.31
N THR A 610 -6.20 26.52 -26.06
CA THR A 610 -5.20 26.42 -25.00
C THR A 610 -5.37 25.20 -24.10
N HIS A 611 -6.58 24.65 -24.03
CA HIS A 611 -6.86 23.52 -23.12
C HIS A 611 -7.39 22.32 -23.89
N LYS A 612 -6.50 21.37 -24.13
CA LYS A 612 -6.76 20.29 -25.04
C LYS A 612 -7.22 19.07 -24.23
N LYS A 613 -8.34 18.47 -24.62
CA LYS A 613 -8.87 17.32 -23.89
C LYS A 613 -8.63 16.03 -24.70
N GLY A 614 -8.42 14.96 -23.97
CA GLY A 614 -8.13 13.66 -24.54
C GLY A 614 -8.69 12.54 -23.72
N VAL A 615 -8.78 11.36 -24.35
CA VAL A 615 -9.27 10.16 -23.70
C VAL A 615 -8.29 9.05 -23.98
N GLY A 616 -7.97 8.27 -22.95
CA GLY A 616 -7.01 7.18 -23.06
C GLY A 616 -7.53 5.91 -22.42
N ILE A 617 -7.12 4.79 -23.00
CA ILE A 617 -7.53 3.45 -22.58
C ILE A 617 -6.31 2.64 -22.15
N SER A 618 -6.52 1.72 -21.20
CA SER A 618 -5.52 0.65 -20.96
C SER A 618 -6.23 -0.57 -20.39
N ILE A 619 -5.57 -1.72 -20.50
CA ILE A 619 -5.95 -2.95 -19.77
C ILE A 619 -4.99 -3.19 -18.62
N GLY A 620 -5.53 -3.75 -17.51
CA GLY A 620 -4.71 -4.24 -16.41
C GLY A 620 -5.01 -5.69 -16.07
N VAL A 621 -3.98 -6.42 -15.68
CA VAL A 621 -4.06 -7.82 -15.24
C VAL A 621 -3.06 -7.98 -14.11
N TYR A 622 -3.43 -8.73 -13.08
CA TYR A 622 -2.44 -9.12 -12.08
C TYR A 622 -2.92 -10.40 -11.36
N GLY A 623 -1.98 -11.16 -10.82
CA GLY A 623 -2.34 -12.37 -10.06
C GLY A 623 -2.87 -12.07 -8.67
N SER A 624 -3.69 -12.97 -8.16
CA SER A 624 -4.07 -12.98 -6.73
C SER A 624 -3.41 -14.21 -6.12
N GLY A 625 -2.35 -13.99 -5.36
CA GLY A 625 -1.55 -15.04 -4.82
C GLY A 625 -0.07 -14.75 -4.88
N LEU A 626 0.69 -15.47 -4.06
CA LEU A 626 2.12 -15.62 -4.26
C LEU A 626 2.31 -16.78 -5.26
N ASP A 627 3.43 -16.77 -5.97
CA ASP A 627 3.64 -17.73 -7.05
C ASP A 627 3.58 -19.19 -6.61
N GLY A 628 3.02 -20.02 -7.47
CA GLY A 628 3.00 -21.43 -7.21
C GLY A 628 1.87 -21.81 -6.27
N PRO A 629 1.95 -22.98 -5.64
CA PRO A 629 0.87 -23.53 -4.84
C PRO A 629 0.80 -22.89 -3.43
N ASP A 630 0.39 -21.63 -3.44
CA ASP A 630 0.27 -20.81 -2.27
C ASP A 630 -0.84 -21.43 -1.42
N ALA A 631 -0.84 -21.07 -0.14
CA ALA A 631 -1.75 -21.71 0.80
C ALA A 631 -2.02 -20.79 1.97
N SER A 632 -3.10 -21.09 2.68
CA SER A 632 -3.41 -20.40 3.93
C SER A 632 -4.12 -21.33 4.92
N GLU A 633 -4.31 -20.82 6.12
CA GLU A 633 -4.90 -21.55 7.25
C GLU A 633 -5.69 -20.55 8.11
N ALA A 634 -6.80 -21.05 8.66
CA ALA A 634 -7.68 -20.29 9.57
C ALA A 634 -8.21 -21.27 10.60
N TRP A 635 -8.55 -20.77 11.78
CA TRP A 635 -9.25 -21.58 12.81
C TRP A 635 -10.57 -20.92 13.10
N ALA A 636 -11.67 -21.69 13.06
CA ALA A 636 -12.99 -21.16 13.40
C ALA A 636 -13.39 -21.73 14.75
N GLU A 637 -13.67 -20.85 15.68
CA GLU A 637 -13.87 -21.24 17.07
C GLU A 637 -15.19 -20.74 17.61
N LEU A 638 -16.03 -21.66 18.10
CA LEU A 638 -17.23 -21.28 18.83
C LEU A 638 -16.83 -20.97 20.27
N ASN A 639 -17.08 -19.75 20.72
CA ASN A 639 -16.76 -19.31 22.06
C ASN A 639 -17.92 -19.58 23.00
N ALA A 640 -17.63 -19.52 24.29
CA ALA A 640 -18.61 -19.88 25.30
C ALA A 640 -19.84 -18.98 25.25
N ASP A 641 -19.64 -17.72 24.86
CA ASP A 641 -20.75 -16.77 24.77
C ASP A 641 -21.53 -16.86 23.45
N GLY A 642 -21.24 -17.87 22.62
CA GLY A 642 -21.96 -18.04 21.36
C GLY A 642 -21.42 -17.20 20.21
N THR A 643 -20.46 -16.32 20.47
CA THR A 643 -19.74 -15.65 19.37
C THR A 643 -18.78 -16.66 18.70
N ILE A 644 -18.32 -16.33 17.51
CA ILE A 644 -17.37 -17.16 16.79
C ILE A 644 -16.14 -16.32 16.47
N THR A 645 -14.94 -16.81 16.82
CA THR A 645 -13.69 -16.13 16.47
C THR A 645 -13.07 -16.85 15.29
N VAL A 646 -12.74 -16.09 14.27
CA VAL A 646 -12.10 -16.63 13.10
C VAL A 646 -10.65 -16.18 13.19
N HIS A 647 -9.78 -17.11 13.58
CA HIS A 647 -8.37 -16.82 13.83
C HIS A 647 -7.57 -16.89 12.53
N THR A 648 -6.94 -15.78 12.16
CA THR A 648 -6.07 -15.71 10.99
C THR A 648 -4.92 -14.74 11.28
N ALA A 649 -3.93 -14.77 10.40
CA ALA A 649 -2.93 -13.68 10.35
C ALA A 649 -3.12 -12.83 9.10
N TRP A 650 -4.36 -12.51 8.76
CA TRP A 650 -4.64 -11.61 7.64
C TRP A 650 -4.21 -10.19 8.02
N GLU A 651 -3.07 -9.74 7.50
CA GLU A 651 -2.52 -8.46 7.98
C GLU A 651 -3.27 -7.30 7.33
N ASP A 652 -3.62 -6.30 8.14
CA ASP A 652 -4.41 -5.16 7.70
C ASP A 652 -3.52 -3.94 7.51
N HIS A 653 -3.20 -3.66 6.25
CA HIS A 653 -2.59 -2.39 5.88
C HIS A 653 -3.61 -1.25 6.10
N GLY A 654 -4.90 -1.58 6.16
CA GLY A 654 -6.00 -0.65 6.03
C GLY A 654 -6.96 -1.02 4.91
N GLN A 655 -6.62 -2.05 4.15
CA GLN A 655 -7.46 -2.48 3.02
C GLN A 655 -8.78 -3.11 3.42
N GLY A 656 -8.84 -3.69 4.64
CA GLY A 656 -10.04 -4.33 5.15
C GLY A 656 -9.92 -5.80 5.53
N ALA A 657 -8.82 -6.17 6.17
CA ALA A 657 -8.69 -7.55 6.66
C ALA A 657 -9.80 -7.93 7.62
N ASP A 658 -10.28 -6.96 8.41
CA ASP A 658 -11.36 -7.19 9.35
C ASP A 658 -12.68 -7.58 8.67
N ILE A 659 -13.08 -6.78 7.68
CA ILE A 659 -14.33 -7.00 6.95
C ILE A 659 -14.23 -8.17 5.98
N GLY A 660 -13.05 -8.41 5.42
CA GLY A 660 -12.85 -9.59 4.61
C GLY A 660 -13.09 -10.85 5.42
N CYS A 661 -12.55 -10.88 6.63
CA CYS A 661 -12.75 -12.01 7.50
C CYS A 661 -14.21 -12.18 7.89
N VAL A 662 -14.83 -11.11 8.38
CA VAL A 662 -16.21 -11.17 8.84
C VAL A 662 -17.16 -11.53 7.69
N GLY A 663 -17.00 -10.89 6.54
CA GLY A 663 -17.90 -11.13 5.41
C GLY A 663 -17.80 -12.54 4.82
N THR A 664 -16.56 -13.01 4.72
CA THR A 664 -16.31 -14.37 4.22
C THR A 664 -16.83 -15.41 5.19
N ALA A 665 -16.53 -15.23 6.46
CA ALA A 665 -17.05 -16.17 7.47
C ALA A 665 -18.57 -16.15 7.56
N HIS A 666 -19.16 -14.96 7.50
CA HIS A 666 -20.61 -14.85 7.56
C HIS A 666 -21.28 -15.68 6.45
N GLU A 667 -20.76 -15.53 5.24
CA GLU A 667 -21.32 -16.28 4.10
C GLU A 667 -21.18 -17.81 4.31
N ALA A 668 -20.00 -18.22 4.77
CA ALA A 668 -19.73 -19.64 5.02
C ALA A 668 -20.56 -20.20 6.17
N LEU A 669 -20.93 -19.35 7.13
CA LEU A 669 -21.66 -19.80 8.32
C LEU A 669 -23.18 -19.68 8.21
N ARG A 670 -23.67 -19.25 7.06
CA ARG A 670 -25.12 -18.97 6.90
C ARG A 670 -26.04 -20.15 7.26
N PRO A 671 -25.61 -21.38 6.94
CA PRO A 671 -26.48 -22.47 7.38
C PRO A 671 -26.81 -22.48 8.88
N MET A 672 -25.91 -21.97 9.70
CA MET A 672 -26.12 -21.91 11.16
C MET A 672 -26.68 -20.57 11.65
N GLY A 673 -26.90 -19.62 10.74
CA GLY A 673 -27.59 -18.38 11.06
C GLY A 673 -26.83 -17.47 12.00
N VAL A 674 -25.55 -17.28 11.72
CA VAL A 674 -24.68 -16.48 12.59
C VAL A 674 -24.70 -15.00 12.17
N ALA A 675 -25.12 -14.14 13.09
CA ALA A 675 -25.15 -12.71 12.85
C ALA A 675 -23.74 -12.15 12.71
N PRO A 676 -23.56 -11.16 11.81
CA PRO A 676 -22.24 -10.64 11.57
C PRO A 676 -21.55 -10.04 12.79
N GLU A 677 -22.30 -9.40 13.69
CA GLU A 677 -21.71 -8.81 14.88
C GLU A 677 -21.20 -9.85 15.88
N LYS A 678 -21.57 -11.12 15.68
CA LYS A 678 -21.06 -12.21 16.50
C LYS A 678 -19.74 -12.83 16.01
N ILE A 679 -19.23 -12.36 14.87
CA ILE A 679 -18.02 -12.91 14.28
C ILE A 679 -16.86 -11.98 14.57
N LYS A 680 -15.83 -12.53 15.21
CA LYS A 680 -14.65 -11.77 15.62
C LYS A 680 -13.43 -12.16 14.76
N PHE A 681 -12.60 -11.17 14.48
CA PHE A 681 -11.34 -11.35 13.75
C PHE A 681 -10.18 -11.24 14.78
N THR A 682 -8.99 -11.69 14.35
CA THR A 682 -7.80 -11.63 15.19
C THR A 682 -6.71 -10.81 14.54
N TRP A 683 -6.09 -9.94 15.33
CA TRP A 683 -4.90 -9.24 14.90
C TRP A 683 -3.73 -10.23 14.72
N PRO A 684 -2.93 -10.04 13.67
CA PRO A 684 -1.86 -11.02 13.39
C PRO A 684 -0.81 -11.12 14.48
N ASN A 685 -0.45 -12.36 14.82
CA ASN A 685 0.48 -12.67 15.91
C ASN A 685 1.11 -14.04 15.61
N THR A 686 2.42 -14.13 15.50
CA THR A 686 3.02 -15.40 15.06
C THR A 686 2.92 -16.53 16.06
N ALA A 687 2.68 -16.20 17.32
CA ALA A 687 2.52 -17.20 18.37
C ALA A 687 1.11 -17.77 18.44
N THR A 688 0.09 -16.96 18.18
CA THR A 688 -1.27 -17.35 18.48
C THR A 688 -2.24 -17.32 17.30
N THR A 689 -1.75 -17.00 16.10
CA THR A 689 -2.57 -17.07 14.89
C THR A 689 -1.83 -17.94 13.87
N PRO A 690 -2.58 -18.64 13.01
CA PRO A 690 -1.95 -19.49 11.99
C PRO A 690 -1.21 -18.71 10.89
N ASN A 691 -0.34 -19.42 10.17
CA ASN A 691 0.44 -18.81 9.10
C ASN A 691 -0.41 -18.66 7.84
N SER A 692 -1.24 -17.61 7.85
CA SER A 692 -2.11 -17.29 6.74
C SER A 692 -1.35 -16.67 5.59
N GLY A 693 -0.12 -16.23 5.87
CA GLY A 693 0.76 -15.62 4.88
C GLY A 693 0.63 -14.10 4.85
N PRO A 694 1.46 -13.45 4.02
CA PRO A 694 1.51 -12.00 3.99
C PRO A 694 0.34 -11.41 3.19
N SER A 695 0.04 -10.15 3.46
CA SER A 695 -0.90 -9.41 2.64
C SER A 695 -0.14 -8.72 1.53
N GLY A 696 0.32 -9.55 0.61
CA GLY A 696 1.01 -9.11 -0.60
C GLY A 696 0.46 -9.91 -1.76
N GLY A 697 0.60 -9.37 -2.96
CA GLY A 697 0.10 -10.11 -4.13
C GLY A 697 -1.39 -10.22 -4.24
N SER A 698 -2.11 -9.29 -3.62
CA SER A 698 -3.59 -9.26 -3.73
C SER A 698 -4.13 -10.66 -3.48
N ARG A 699 -3.67 -11.29 -2.39
CA ARG A 699 -3.83 -12.72 -2.19
C ARG A 699 -4.79 -13.12 -1.06
N GLN A 700 -5.06 -12.23 -0.12
CA GLN A 700 -5.67 -12.70 1.10
C GLN A 700 -7.13 -13.10 0.91
N GLN A 701 -7.91 -12.30 0.18
CA GLN A 701 -9.28 -12.69 -0.06
C GLN A 701 -9.36 -14.09 -0.70
N VAL A 702 -8.50 -14.37 -1.67
CA VAL A 702 -8.51 -15.71 -2.28
C VAL A 702 -8.00 -16.80 -1.32
N MET A 703 -6.78 -16.61 -0.82
CA MET A 703 -6.08 -17.67 -0.05
C MET A 703 -6.63 -17.82 1.35
N THR A 704 -6.59 -16.74 2.11
CA THR A 704 -7.16 -16.76 3.45
C THR A 704 -8.70 -16.78 3.44
N GLY A 705 -9.33 -16.13 2.46
CA GLY A 705 -10.76 -16.27 2.29
C GLY A 705 -11.19 -17.72 2.10
N ASN A 706 -10.48 -18.45 1.24
CA ASN A 706 -10.76 -19.87 1.11
C ASN A 706 -10.50 -20.64 2.42
N ALA A 707 -9.38 -20.34 3.09
CA ALA A 707 -9.10 -21.05 4.35
C ALA A 707 -10.18 -20.78 5.37
N ILE A 708 -10.62 -19.52 5.48
CA ILE A 708 -11.74 -19.17 6.36
C ILE A 708 -13.00 -19.95 6.01
N ARG A 709 -13.31 -19.99 4.71
CA ARG A 709 -14.48 -20.73 4.21
C ARG A 709 -14.39 -22.20 4.67
N VAL A 710 -13.24 -22.83 4.44
CA VAL A 710 -13.08 -24.24 4.78
C VAL A 710 -13.18 -24.45 6.31
N ALA A 711 -12.51 -23.58 7.07
CA ALA A 711 -12.61 -23.67 8.55
C ALA A 711 -14.05 -23.56 9.04
N CYS A 712 -14.79 -22.61 8.48
CA CYS A 712 -16.19 -22.43 8.84
C CYS A 712 -17.07 -23.61 8.42
N GLU A 713 -16.83 -24.13 7.22
CA GLU A 713 -17.49 -25.36 6.78
C GLU A 713 -17.21 -26.49 7.78
N ASN A 714 -15.97 -26.57 8.25
CA ASN A 714 -15.58 -27.60 9.21
C ASN A 714 -16.18 -27.38 10.58
N LEU A 715 -16.33 -26.13 10.99
CA LEU A 715 -17.02 -25.82 12.24
C LEU A 715 -18.50 -26.21 12.14
N LEU A 716 -19.13 -25.97 10.99
CA LEU A 716 -20.53 -26.34 10.82
C LEU A 716 -20.66 -27.83 10.99
N LYS A 717 -19.75 -28.59 10.39
CA LYS A 717 -19.80 -30.07 10.56
C LYS A 717 -19.63 -30.48 12.02
N ALA A 718 -18.69 -29.84 12.72
CA ALA A 718 -18.47 -30.07 14.14
C ALA A 718 -19.70 -29.79 15.01
N CYS A 719 -20.52 -28.82 14.58
CA CYS A 719 -21.71 -28.39 15.34
C CYS A 719 -23.02 -29.07 14.92
N GLU A 720 -23.02 -29.72 13.78
CA GLU A 720 -24.23 -30.38 13.28
C GLU A 720 -24.81 -31.40 14.26
N LYS A 721 -26.13 -31.34 14.46
CA LYS A 721 -26.81 -32.33 15.28
C LYS A 721 -27.31 -33.40 14.37
N PRO A 722 -27.23 -34.67 14.81
CA PRO A 722 -27.97 -35.65 14.06
C PRO A 722 -29.48 -35.32 14.18
N GLY A 723 -30.14 -35.40 13.04
CA GLY A 723 -31.57 -35.12 12.91
C GLY A 723 -31.82 -33.73 12.35
N GLY A 724 -30.78 -32.90 12.29
CA GLY A 724 -30.88 -31.53 11.77
C GLY A 724 -30.66 -30.51 12.88
N GLY A 725 -30.28 -29.31 12.49
CA GLY A 725 -29.93 -28.29 13.48
C GLY A 725 -28.51 -28.40 13.97
N TYR A 726 -28.19 -27.59 14.99
CA TYR A 726 -26.82 -27.37 15.44
C TYR A 726 -26.77 -27.40 16.94
N TYR A 727 -25.71 -27.98 17.47
CA TYR A 727 -25.47 -28.01 18.89
C TYR A 727 -24.98 -26.62 19.33
N THR A 728 -25.32 -26.26 20.56
CA THR A 728 -24.79 -25.05 21.21
C THR A 728 -23.42 -25.35 21.82
N TYR A 729 -22.68 -24.31 22.20
CA TYR A 729 -21.37 -24.48 22.85
C TYR A 729 -21.47 -25.39 24.07
N ASP A 730 -22.45 -25.10 24.92
CA ASP A 730 -22.60 -25.88 26.15
C ASP A 730 -22.85 -27.35 25.84
N GLU A 731 -23.63 -27.62 24.79
CA GLU A 731 -23.91 -29.01 24.42
C GLU A 731 -22.62 -29.70 23.98
N LEU A 732 -21.81 -29.04 23.16
CA LEU A 732 -20.55 -29.61 22.69
C LEU A 732 -19.56 -29.82 23.82
N LYS A 733 -19.50 -28.85 24.73
CA LYS A 733 -18.56 -28.96 25.84
C LYS A 733 -18.95 -30.09 26.80
N ALA A 734 -20.24 -30.24 27.04
CA ALA A 734 -20.75 -31.34 27.88
C ALA A 734 -20.40 -32.69 27.26
N ALA A 735 -20.39 -32.77 25.92
CA ALA A 735 -20.03 -34.00 25.22
C ALA A 735 -18.51 -34.14 24.95
N ASP A 736 -17.70 -33.24 25.54
CA ASP A 736 -16.24 -33.25 25.36
C ASP A 736 -15.84 -33.25 23.87
N LYS A 737 -16.63 -32.53 23.07
CA LYS A 737 -16.39 -32.37 21.62
C LYS A 737 -15.63 -31.06 21.36
N PRO A 738 -14.83 -31.02 20.26
CA PRO A 738 -14.02 -29.83 19.93
C PRO A 738 -14.85 -28.61 19.52
N THR A 739 -14.35 -27.43 19.88
CA THR A 739 -15.01 -26.16 19.57
C THR A 739 -14.15 -25.22 18.70
N LYS A 740 -12.86 -25.55 18.55
CA LYS A 740 -11.91 -24.77 17.76
C LYS A 740 -11.44 -25.66 16.59
N ILE A 741 -11.79 -25.26 15.37
CA ILE A 741 -11.69 -26.17 14.24
C ILE A 741 -10.84 -25.54 13.13
N THR A 742 -9.90 -26.30 12.60
CA THR A 742 -8.98 -25.79 11.58
C THR A 742 -9.55 -25.97 10.17
N GLY A 743 -9.13 -25.06 9.29
CA GLY A 743 -9.32 -25.16 7.86
C GLY A 743 -8.06 -24.70 7.15
N ASN A 744 -7.73 -25.40 6.06
CA ASN A 744 -6.60 -25.06 5.21
C ASN A 744 -7.08 -25.02 3.77
N TRP A 745 -6.36 -24.29 2.94
CA TRP A 745 -6.61 -24.31 1.51
C TRP A 745 -5.30 -24.04 0.77
N THR A 746 -5.11 -24.73 -0.36
CA THR A 746 -3.92 -24.61 -1.21
C THR A 746 -4.34 -24.40 -2.67
N ALA A 747 -3.66 -23.52 -3.36
CA ALA A 747 -3.86 -23.29 -4.82
C ALA A 747 -3.14 -24.40 -5.57
N SER A 748 -3.67 -25.61 -5.46
CA SER A 748 -2.98 -26.82 -5.97
C SER A 748 -2.63 -26.82 -7.46
N GLY A 749 -3.43 -26.18 -8.29
CA GLY A 749 -3.10 -26.17 -9.74
C GLY A 749 -1.93 -25.31 -10.20
N ALA A 750 -1.36 -24.51 -9.31
CA ALA A 750 -0.31 -23.57 -9.70
C ALA A 750 1.07 -24.18 -9.74
N THR A 751 1.90 -23.65 -10.63
CA THR A 751 3.30 -24.02 -10.71
C THR A 751 4.17 -22.78 -10.85
N HIS A 752 5.39 -22.87 -10.33
CA HIS A 752 6.37 -21.81 -10.47
C HIS A 752 6.86 -21.69 -11.91
N CYS A 753 7.09 -20.45 -12.33
CA CYS A 753 7.66 -20.20 -13.65
C CYS A 753 9.09 -20.72 -13.76
N ASP A 754 9.41 -21.25 -14.93
CA ASP A 754 10.70 -21.90 -15.15
C ASP A 754 11.83 -20.85 -15.21
N ALA A 755 12.99 -21.23 -14.68
CA ALA A 755 14.15 -20.35 -14.63
C ALA A 755 14.75 -20.05 -16.02
N VAL A 756 14.57 -20.97 -16.96
CA VAL A 756 15.11 -20.83 -18.33
C VAL A 756 14.11 -20.23 -19.30
N THR A 757 12.83 -20.63 -19.24
CA THR A 757 11.84 -20.17 -20.21
C THR A 757 10.84 -19.12 -19.70
N GLY A 758 10.68 -19.04 -18.39
CA GLY A 758 9.66 -18.16 -17.81
C GLY A 758 8.26 -18.76 -17.80
N LEU A 759 8.08 -19.94 -18.37
CA LEU A 759 6.75 -20.51 -18.57
C LEU A 759 6.30 -21.21 -17.29
N GLY A 760 4.99 -21.21 -17.08
CA GLY A 760 4.40 -21.81 -15.88
C GLY A 760 2.98 -21.35 -15.66
N LYS A 761 2.44 -21.73 -14.51
CA LYS A 761 1.05 -21.41 -14.15
C LYS A 761 1.08 -20.80 -12.79
N PRO A 762 1.63 -19.56 -12.67
CA PRO A 762 2.03 -19.07 -11.36
C PRO A 762 0.90 -18.76 -10.39
N PHE A 763 -0.28 -18.39 -10.92
CA PHE A 763 -1.45 -18.02 -10.13
C PHE A 763 -2.64 -18.77 -10.69
N VAL A 764 -3.55 -19.19 -9.83
CA VAL A 764 -4.80 -19.82 -10.28
C VAL A 764 -5.94 -18.84 -10.44
N VAL A 765 -5.75 -17.63 -9.91
CA VAL A 765 -6.76 -16.56 -10.01
C VAL A 765 -6.02 -15.32 -10.37
N TYR A 766 -6.54 -14.58 -11.37
CA TYR A 766 -6.09 -13.24 -11.73
C TYR A 766 -7.23 -12.24 -11.58
N MET A 767 -6.84 -10.98 -11.55
CA MET A 767 -7.76 -9.83 -11.61
C MET A 767 -7.66 -9.20 -13.00
N TYR A 768 -8.77 -8.75 -13.56
CA TYR A 768 -8.78 -8.21 -14.94
C TYR A 768 -9.55 -6.88 -14.94
N GLY A 769 -9.06 -5.89 -15.69
CA GLY A 769 -9.73 -4.63 -15.77
C GLY A 769 -9.42 -3.84 -17.01
N VAL A 770 -10.26 -2.84 -17.26
CA VAL A 770 -10.09 -1.91 -18.37
C VAL A 770 -10.26 -0.48 -17.85
N PHE A 771 -9.24 0.34 -18.05
CA PHE A 771 -9.24 1.73 -17.58
C PHE A 771 -9.60 2.72 -18.67
N MET A 772 -10.28 3.81 -18.30
CA MET A 772 -10.41 4.96 -19.22
C MET A 772 -10.09 6.23 -18.46
N ALA A 773 -9.19 7.04 -18.99
CA ALA A 773 -8.80 8.33 -18.40
C ALA A 773 -9.26 9.46 -19.29
N GLU A 774 -9.82 10.51 -18.69
CA GLU A 774 -10.21 11.73 -19.38
C GLU A 774 -9.39 12.86 -18.78
N VAL A 775 -8.62 13.54 -19.63
CA VAL A 775 -7.70 14.58 -19.18
C VAL A 775 -7.83 15.87 -19.98
N THR A 776 -7.35 16.96 -19.38
CA THR A 776 -7.16 18.25 -20.06
C THR A 776 -5.70 18.67 -19.88
N VAL A 777 -5.06 19.03 -20.98
CA VAL A 777 -3.68 19.55 -20.92
C VAL A 777 -3.70 21.04 -21.28
N ASP A 778 -3.13 21.87 -20.41
CA ASP A 778 -2.92 23.30 -20.70
C ASP A 778 -1.65 23.37 -21.53
N VAL A 779 -1.78 23.67 -22.82
CA VAL A 779 -0.61 23.56 -23.66
C VAL A 779 0.35 24.73 -23.51
N ALA A 780 -0.05 25.78 -22.78
CA ALA A 780 0.88 26.86 -22.44
C ALA A 780 1.83 26.50 -21.29
N THR A 781 1.35 25.70 -20.35
CA THR A 781 2.13 25.32 -19.17
C THR A 781 2.58 23.86 -19.15
N GLY A 782 1.93 22.98 -19.92
CA GLY A 782 2.20 21.57 -19.82
C GLY A 782 1.49 20.82 -18.68
N GLN A 783 0.66 21.55 -17.93
CA GLN A 783 -0.02 20.97 -16.78
C GLN A 783 -1.23 20.13 -17.26
N THR A 784 -1.27 18.89 -16.77
CA THR A 784 -2.37 17.95 -17.02
C THR A 784 -3.28 17.86 -15.81
N THR A 785 -4.58 17.96 -16.06
CA THR A 785 -5.60 17.73 -15.06
C THR A 785 -6.35 16.47 -15.47
N VAL A 786 -6.49 15.55 -14.54
CA VAL A 786 -7.31 14.34 -14.78
C VAL A 786 -8.72 14.71 -14.34
N ASP A 787 -9.64 14.69 -15.30
CA ASP A 787 -11.03 15.09 -15.08
C ASP A 787 -11.93 13.90 -14.75
N GLY A 788 -11.50 12.70 -15.10
CA GLY A 788 -12.29 11.51 -14.84
C GLY A 788 -11.46 10.25 -15.03
N MET A 789 -11.73 9.25 -14.21
CA MET A 789 -11.21 7.91 -14.40
C MET A 789 -12.37 6.91 -14.31
N THR A 790 -12.32 5.90 -15.16
CA THR A 790 -13.26 4.77 -15.13
C THR A 790 -12.46 3.48 -15.07
N LEU A 791 -12.91 2.58 -14.21
CA LEU A 791 -12.38 1.21 -14.18
C LEU A 791 -13.50 0.21 -14.35
N MET A 792 -13.47 -0.54 -15.45
CA MET A 792 -14.23 -1.77 -15.59
C MET A 792 -13.44 -2.84 -14.86
N ALA A 793 -14.05 -3.47 -13.86
CA ALA A 793 -13.31 -4.40 -13.02
C ALA A 793 -14.06 -5.74 -12.91
N ASP A 794 -13.32 -6.83 -13.09
CA ASP A 794 -13.84 -8.18 -12.90
C ASP A 794 -13.17 -8.74 -11.65
N LEU A 795 -13.91 -8.69 -10.54
CA LEU A 795 -13.45 -9.21 -9.25
C LEU A 795 -14.11 -10.53 -8.84
N GLY A 796 -14.87 -11.12 -9.75
CA GLY A 796 -15.44 -12.46 -9.53
C GLY A 796 -16.75 -12.42 -8.80
N SER A 797 -16.68 -11.91 -7.57
CA SER A 797 -17.79 -11.69 -6.63
C SER A 797 -17.25 -10.77 -5.53
N LEU A 798 -18.04 -9.80 -5.06
CA LEU A 798 -17.56 -8.85 -4.07
C LEU A 798 -17.83 -9.41 -2.66
N CYS A 799 -16.79 -9.52 -1.84
CA CYS A 799 -17.00 -9.77 -0.42
C CYS A 799 -17.71 -8.58 0.21
N ASN A 800 -17.19 -7.38 -0.03
CA ASN A 800 -17.78 -6.17 0.51
C ASN A 800 -17.55 -5.01 -0.43
N GLN A 801 -18.64 -4.35 -0.83
CA GLN A 801 -18.57 -3.27 -1.83
C GLN A 801 -17.94 -2.00 -1.26
N LEU A 802 -18.11 -1.69 0.03
CA LEU A 802 -17.40 -0.52 0.58
C LEU A 802 -15.91 -0.76 0.46
N ALA A 803 -15.48 -2.00 0.70
CA ALA A 803 -14.04 -2.33 0.65
C ALA A 803 -13.55 -2.24 -0.78
N THR A 804 -14.26 -2.89 -1.71
CA THR A 804 -13.76 -2.90 -3.08
C THR A 804 -13.83 -1.53 -3.78
N ASP A 805 -14.92 -0.81 -3.58
CA ASP A 805 -15.02 0.54 -4.18
C ASP A 805 -13.85 1.38 -3.70
N GLY A 806 -13.57 1.32 -2.39
CA GLY A 806 -12.51 2.12 -1.82
C GLY A 806 -11.13 1.70 -2.31
N GLN A 807 -10.92 0.40 -2.49
CA GLN A 807 -9.62 -0.08 -2.99
C GLN A 807 -9.42 0.49 -4.38
N ILE A 808 -10.43 0.45 -5.21
CA ILE A 808 -10.32 0.94 -6.58
C ILE A 808 -10.08 2.45 -6.58
N TYR A 809 -10.85 3.25 -5.85
CA TYR A 809 -10.62 4.69 -5.83
C TYR A 809 -9.21 5.02 -5.36
N GLY A 810 -8.74 4.37 -4.30
CA GLY A 810 -7.37 4.57 -3.81
C GLY A 810 -6.31 4.25 -4.87
N GLY A 811 -6.45 3.12 -5.54
CA GLY A 811 -5.45 2.77 -6.54
C GLY A 811 -5.43 3.73 -7.74
N LEU A 812 -6.61 4.19 -8.15
CA LEU A 812 -6.71 5.12 -9.27
C LEU A 812 -6.00 6.42 -8.88
N ALA A 813 -6.16 6.90 -7.64
CA ALA A 813 -5.48 8.13 -7.23
C ALA A 813 -3.96 7.94 -7.22
N GLN A 814 -3.46 6.79 -6.78
CA GLN A 814 -2.01 6.51 -6.83
C GLN A 814 -1.54 6.46 -8.28
N GLY A 815 -2.41 6.01 -9.18
CA GLY A 815 -2.12 6.04 -10.61
C GLY A 815 -1.96 7.42 -11.15
N ILE A 816 -2.79 8.35 -10.70
CA ILE A 816 -2.67 9.77 -11.12
C ILE A 816 -1.32 10.33 -10.62
N GLY A 817 -0.94 10.00 -9.37
CA GLY A 817 0.37 10.38 -8.85
C GLY A 817 1.51 9.83 -9.64
N LEU A 818 1.48 8.53 -9.90
CA LEU A 818 2.51 7.87 -10.69
C LEU A 818 2.62 8.49 -12.10
N ALA A 819 1.49 8.80 -12.71
CA ALA A 819 1.51 9.39 -14.06
C ALA A 819 2.09 10.80 -14.11
N LEU A 820 1.69 11.64 -13.17
CA LEU A 820 1.88 13.06 -13.30
C LEU A 820 2.87 13.71 -12.36
N SER A 821 3.04 13.19 -11.13
CA SER A 821 3.76 13.99 -10.11
C SER A 821 4.77 13.30 -9.20
N GLU A 822 4.70 11.98 -9.07
CA GLU A 822 5.41 11.32 -7.97
C GLU A 822 6.77 10.75 -8.39
N ASP A 823 7.79 10.95 -7.56
CA ASP A 823 9.02 10.18 -7.70
C ASP A 823 9.79 10.32 -6.39
N PHE A 824 10.79 9.46 -6.24
CA PHE A 824 11.81 9.61 -5.22
C PHE A 824 13.16 9.46 -5.90
N GLU A 825 13.67 10.56 -6.41
CA GLU A 825 14.92 10.61 -7.11
C GLU A 825 15.96 11.45 -6.39
N ASP A 826 15.51 12.58 -5.86
CA ASP A 826 16.34 13.54 -5.19
C ASP A 826 16.17 13.29 -3.71
N ILE A 827 17.24 12.86 -3.05
CA ILE A 827 17.18 12.35 -1.68
C ILE A 827 16.58 13.34 -0.70
N LYS A 828 16.89 14.62 -0.85
CA LYS A 828 16.35 15.67 0.03
C LYS A 828 15.05 16.31 -0.48
N LYS A 829 15.02 16.71 -1.76
CA LYS A 829 13.85 17.40 -2.30
C LYS A 829 12.60 16.55 -2.29
N HIS A 830 12.78 15.24 -2.47
CA HIS A 830 11.64 14.34 -2.50
C HIS A 830 11.31 13.69 -1.15
N ALA A 831 11.90 14.21 -0.08
CA ALA A 831 11.69 13.67 1.26
C ALA A 831 10.52 14.29 2.05
N THR A 832 9.72 15.12 1.38
CA THR A 832 8.43 15.60 1.91
C THR A 832 7.29 15.19 1.01
N LEU A 833 6.08 15.14 1.56
CA LEU A 833 4.87 14.87 0.75
C LEU A 833 4.76 15.82 -0.42
N VAL A 834 4.81 17.13 -0.16
CA VAL A 834 4.70 18.09 -1.24
C VAL A 834 5.84 17.99 -2.21
N GLY A 835 7.04 17.78 -1.71
CA GLY A 835 8.19 17.70 -2.62
C GLY A 835 8.18 16.52 -3.56
N ALA A 836 7.66 15.40 -3.09
CA ALA A 836 7.59 14.16 -3.87
C ALA A 836 6.31 14.05 -4.71
N GLY A 837 5.47 15.07 -4.71
CA GLY A 837 4.30 15.07 -5.59
C GLY A 837 3.08 14.33 -5.11
N PHE A 838 2.89 14.26 -3.79
CA PHE A 838 1.70 13.63 -3.24
C PHE A 838 0.41 14.26 -3.84
N PRO A 839 -0.57 13.43 -4.23
CA PRO A 839 -1.81 13.98 -4.75
C PRO A 839 -2.79 14.43 -3.65
N PHE A 840 -2.90 15.73 -3.52
CA PHE A 840 -3.94 16.33 -2.70
C PHE A 840 -5.28 16.31 -3.44
N ILE A 841 -6.35 16.67 -2.78
CA ILE A 841 -7.70 16.35 -3.29
C ILE A 841 -7.99 16.91 -4.68
N LYS A 842 -7.56 18.13 -4.99
CA LYS A 842 -7.88 18.71 -6.28
C LYS A 842 -7.23 17.98 -7.45
N GLN A 843 -6.16 17.22 -7.20
CA GLN A 843 -5.46 16.46 -8.24
CA GLN A 843 -5.49 16.49 -8.26
C GLN A 843 -6.24 15.21 -8.62
N ILE A 844 -7.17 14.77 -7.75
CA ILE A 844 -7.95 13.55 -8.00
C ILE A 844 -9.37 13.97 -8.40
N PRO A 845 -9.85 13.57 -9.58
CA PRO A 845 -11.20 14.00 -9.97
C PRO A 845 -12.27 13.44 -9.04
N ASP A 846 -13.35 14.19 -8.86
CA ASP A 846 -14.51 13.67 -8.16
C ASP A 846 -15.17 12.54 -8.97
N LYS A 847 -15.01 12.58 -10.29
CA LYS A 847 -15.55 11.54 -11.17
C LYS A 847 -14.58 10.36 -11.22
N LEU A 848 -14.77 9.45 -10.30
CA LEU A 848 -14.14 8.14 -10.34
C LEU A 848 -15.27 7.12 -10.45
N ASP A 849 -15.32 6.43 -11.57
CA ASP A 849 -16.44 5.56 -11.90
C ASP A 849 -15.99 4.12 -12.00
N ILE A 850 -16.72 3.23 -11.35
CA ILE A 850 -16.47 1.81 -11.38
C ILE A 850 -17.65 1.12 -12.05
N VAL A 851 -17.35 0.13 -12.86
CA VAL A 851 -18.36 -0.80 -13.39
C VAL A 851 -17.84 -2.22 -13.15
N TYR A 852 -18.52 -2.97 -12.27
CA TYR A 852 -18.21 -4.36 -12.03
C TYR A 852 -18.77 -5.27 -13.10
N VAL A 853 -17.90 -6.08 -13.68
CA VAL A 853 -18.30 -7.07 -14.67
C VAL A 853 -17.72 -8.40 -14.19
N ASN A 854 -18.38 -8.95 -13.19
CA ASN A 854 -17.80 -10.04 -12.43
C ASN A 854 -18.09 -11.40 -13.04
N HIS A 855 -17.01 -12.15 -13.30
CA HIS A 855 -17.07 -13.52 -13.78
C HIS A 855 -16.52 -14.42 -12.66
N PRO A 856 -17.41 -15.14 -11.95
CA PRO A 856 -16.98 -15.91 -10.78
C PRO A 856 -15.79 -16.85 -11.09
N ARG A 857 -14.80 -16.82 -10.23
CA ARG A 857 -13.59 -17.58 -10.41
C ARG A 857 -13.81 -19.03 -9.94
N PRO A 858 -13.39 -20.00 -10.74
CA PRO A 858 -13.50 -21.40 -10.31
C PRO A 858 -12.86 -21.67 -8.96
N ASP A 859 -11.74 -21.05 -8.66
CA ASP A 859 -11.02 -21.39 -7.41
C ASP A 859 -11.15 -20.34 -6.31
N GLY A 860 -11.89 -19.25 -6.53
CA GLY A 860 -12.01 -18.23 -5.52
C GLY A 860 -13.15 -18.54 -4.55
N PRO A 861 -13.07 -18.02 -3.32
CA PRO A 861 -14.15 -18.30 -2.36
C PRO A 861 -15.45 -17.60 -2.81
N PHE A 862 -16.53 -18.37 -3.01
CA PHE A 862 -17.76 -17.82 -3.57
C PHE A 862 -17.53 -17.10 -4.90
N GLY A 863 -16.46 -17.48 -5.59
CA GLY A 863 -16.14 -16.92 -6.89
C GLY A 863 -15.26 -15.67 -6.90
N ALA A 864 -14.79 -15.21 -5.75
CA ALA A 864 -14.02 -13.95 -5.64
C ALA A 864 -12.58 -14.08 -6.14
N SER A 865 -12.10 -13.04 -6.81
CA SER A 865 -10.67 -12.76 -6.92
C SER A 865 -10.27 -11.72 -5.90
N GLY A 866 -8.99 -11.39 -5.86
CA GLY A 866 -8.57 -10.21 -5.13
C GLY A 866 -8.98 -8.93 -5.82
N VAL A 867 -8.60 -7.79 -5.21
CA VAL A 867 -8.74 -6.47 -5.81
C VAL A 867 -7.55 -5.54 -5.60
N GLY A 868 -6.76 -5.79 -4.56
CA GLY A 868 -5.89 -4.73 -4.04
C GLY A 868 -5.06 -3.97 -5.08
N GLU A 869 -4.35 -4.72 -5.89
CA GLU A 869 -3.43 -4.14 -6.85
C GLU A 869 -4.02 -3.89 -8.22
N LEU A 870 -5.19 -4.46 -8.54
CA LEU A 870 -5.79 -4.22 -9.85
C LEU A 870 -5.83 -2.73 -10.27
N PRO A 871 -6.31 -1.84 -9.41
CA PRO A 871 -6.44 -0.46 -9.85
C PRO A 871 -5.14 0.32 -10.10
N LEU A 872 -3.96 -0.23 -9.76
CA LEU A 872 -2.69 0.44 -10.03
C LEU A 872 -1.89 -0.29 -11.12
N THR A 873 -2.47 -1.34 -11.72
CA THR A 873 -1.76 -2.05 -12.78
C THR A 873 -1.38 -1.14 -13.96
N SER A 874 -2.34 -0.39 -14.52
CA SER A 874 -2.03 0.49 -15.62
C SER A 874 -2.82 1.82 -15.74
N PRO A 875 -3.34 2.38 -14.64
CA PRO A 875 -4.10 3.65 -14.84
C PRO A 875 -3.23 4.75 -15.43
N HIS A 876 -1.96 4.74 -15.03
CA HIS A 876 -0.98 5.71 -15.54
C HIS A 876 -0.71 5.57 -17.05
N ALA A 877 -0.88 4.35 -17.59
CA ALA A 877 -0.80 4.19 -19.06
C ALA A 877 -2.02 4.83 -19.71
N ALA A 878 -3.21 4.59 -19.16
CA ALA A 878 -4.41 5.26 -19.68
C ALA A 878 -4.23 6.77 -19.67
N ILE A 879 -3.70 7.29 -18.57
CA ILE A 879 -3.52 8.74 -18.46
C ILE A 879 -2.54 9.28 -19.53
N ILE A 880 -1.40 8.60 -19.70
CA ILE A 880 -0.42 9.04 -20.70
C ILE A 880 -0.98 8.87 -22.10
N ASN A 881 -1.77 7.82 -22.31
CA ASN A 881 -2.45 7.62 -23.59
C ASN A 881 -3.46 8.73 -23.84
N ALA A 882 -4.05 9.26 -22.79
CA ALA A 882 -4.98 10.38 -22.89
C ALA A 882 -4.26 11.69 -23.23
N ILE A 883 -3.08 11.91 -22.63
CA ILE A 883 -2.27 13.07 -22.97
C ILE A 883 -1.93 13.05 -24.45
N LYS A 884 -1.58 11.85 -24.94
CA LYS A 884 -1.31 11.68 -26.38
C LYS A 884 -2.52 11.97 -27.22
N SER A 885 -3.65 11.40 -26.84
CA SER A 885 -4.95 11.70 -27.48
C SER A 885 -5.21 13.22 -27.57
N ALA A 886 -4.96 13.92 -26.47
CA ALA A 886 -5.25 15.36 -26.38
C ALA A 886 -4.33 16.22 -27.26
N THR A 887 -3.05 15.85 -27.27
CA THR A 887 -2.00 16.80 -27.72
C THR A 887 -1.07 16.31 -28.79
N GLY A 888 -1.09 15.00 -29.06
CA GLY A 888 -0.09 14.38 -29.93
C GLY A 888 1.26 14.02 -29.33
N VAL A 889 1.48 14.38 -28.08
CA VAL A 889 2.75 14.15 -27.33
C VAL A 889 2.64 12.85 -26.57
N ARG A 890 3.67 12.00 -26.68
CA ARG A 890 3.82 10.81 -25.84
C ARG A 890 4.95 11.02 -24.84
N ILE A 891 4.63 10.90 -23.55
CA ILE A 891 5.62 10.82 -22.48
C ILE A 891 5.96 9.35 -22.27
N TYR A 892 7.23 9.04 -22.48
CA TYR A 892 7.77 7.69 -22.34
C TYR A 892 8.37 7.37 -20.97
N ARG A 893 8.78 8.42 -20.27
CA ARG A 893 9.47 8.32 -18.97
C ARG A 893 8.65 9.10 -17.95
N LEU A 894 8.06 8.38 -17.00
CA LEU A 894 7.24 8.99 -15.96
C LEU A 894 8.09 9.71 -14.92
N PRO A 895 7.54 10.74 -14.28
CA PRO A 895 6.20 11.30 -14.47
C PRO A 895 6.16 12.37 -15.52
N ALA A 896 4.95 12.66 -15.97
CA ALA A 896 4.67 13.71 -16.95
C ALA A 896 4.66 15.11 -16.30
N TYR A 897 5.83 15.51 -15.75
CA TYR A 897 5.97 16.85 -15.18
C TYR A 897 5.61 17.91 -16.23
N PRO A 898 5.04 19.05 -15.79
CA PRO A 898 4.69 20.06 -16.78
C PRO A 898 5.80 20.48 -17.72
N GLU A 899 7.00 20.72 -17.21
CA GLU A 899 8.09 21.16 -18.09
C GLU A 899 8.42 20.08 -19.13
N LYS A 900 8.39 18.82 -18.72
CA LYS A 900 8.62 17.73 -19.63
C LYS A 900 7.59 17.69 -20.76
N VAL A 901 6.32 17.87 -20.38
CA VAL A 901 5.26 17.93 -21.35
C VAL A 901 5.45 19.13 -22.30
N LEU A 902 5.78 20.31 -21.73
CA LEU A 902 5.97 21.49 -22.56
C LEU A 902 7.11 21.32 -23.56
N GLU A 903 8.22 20.73 -23.13
CA GLU A 903 9.35 20.50 -24.03
C GLU A 903 8.89 19.60 -25.19
N ALA A 904 8.08 18.60 -24.90
CA ALA A 904 7.57 17.74 -25.97
C ALA A 904 6.58 18.44 -26.89
N LEU A 905 5.72 19.29 -26.32
CA LEU A 905 4.79 20.06 -27.11
C LEU A 905 5.47 21.00 -28.09
N LYS A 906 6.62 21.53 -27.69
CA LYS A 906 7.30 22.58 -28.43
C LYS A 906 8.39 22.06 -29.36
N ALA A 907 8.69 20.77 -29.29
CA ALA A 907 9.78 20.18 -30.07
C ALA A 907 9.49 20.29 -31.56
MG MG B . -25.77 13.73 18.12
MG MG C . -6.83 -16.74 -32.38
FE1 FES D . -5.72 5.74 5.10
FE2 FES D . -7.01 8.08 4.65
S1 FES D . -4.83 7.77 4.74
S2 FES D . -7.94 6.16 5.27
FE1 FES E . 0.78 16.38 8.96
FE2 FES E . 0.32 17.97 11.12
S1 FES E . 1.03 15.91 11.09
S2 FES E . -0.10 18.42 9.03
C1 IPA F . 5.19 -8.56 -2.99
C2 IPA F . 4.09 -9.54 -3.41
C3 IPA F . 4.70 -10.87 -3.86
O2 IPA F . 3.28 -8.91 -4.43
C BCT G . 7.55 -2.66 -7.40
O1 BCT G . 7.19 -3.16 -6.35
O2 BCT G . 6.83 -2.46 -8.25
O3 BCT G . 8.88 -2.43 -7.58
MG MG H . 27.55 -13.88 1.70
CL CL I . 7.81 20.91 -13.95
CL CL J . 9.67 11.12 -22.06
N1 PCD K . -12.17 -7.69 -1.30
C2 PCD K . -13.49 -7.81 -1.42
N3 PCD K . -14.02 -8.55 -2.50
C4 PCD K . -13.03 -9.10 -3.40
C5 PCD K . -11.69 -8.87 -3.27
C6 PCD K . -11.32 -8.23 -2.11
O2 PCD K . -14.40 -7.35 -0.67
N4 PCD K . -13.56 -9.82 -4.39
C1' PCD K . -11.65 -6.94 -0.15
C2D PCD K . -10.93 -7.87 0.87
O2' PCD K . -11.75 -8.51 1.85
C3' PCD K . -9.96 -6.89 1.50
C4D PCD K . -9.61 -5.97 0.32
O4D PCD K . -10.71 -6.03 -0.53
O3' PCD K . -10.52 -6.10 2.55
C5' PCD K . -8.36 -6.37 -0.44
O5' PCD K . -8.32 -7.78 -0.69
PA PCD K . -7.14 -8.47 -1.44
O1A PCD K . -7.06 -8.00 -2.89
O2A PCD K . -7.25 -9.94 -1.25
O3A PCD K . -5.82 -7.83 -0.83
PB PCD K . -5.01 -8.23 0.59
O1B PCD K . -5.96 -8.31 1.70
O2B PCD K . -4.10 -9.35 0.27
O3B PCD K . -4.24 -6.89 0.82
C10 PCD K . -3.07 -6.55 0.13
C9' PCD K . -3.13 -5.31 -0.92
C8' PCD K . -1.74 -5.00 -1.39
S8' PCD K . -0.74 -6.25 -2.05
C7' PCD K . -1.35 -3.73 -1.33
S7' PCD K . 0.31 -3.33 -1.71
C6' PCD K . -2.28 -2.60 -0.93
C7 PCD K . -3.63 -3.09 -1.04
O9' PCD K . -3.85 -4.27 -0.21
N5' PCD K . -1.98 -1.95 0.39
C4A PCD K . -2.99 -1.10 0.89
N8' PCD K . -4.63 -2.14 -0.52
C4B PCD K . -4.25 -1.21 0.44
N1' PCD K . -5.31 -0.43 0.87
C2' PCD K . -5.08 0.38 1.88
N2' PCD K . -6.08 1.05 2.42
N3' PCD K . -3.83 0.50 2.41
C4' PCD K . -2.75 -0.16 1.98
O4' PCD K . -1.61 0.05 2.45
MO PCD K . 1.57 -5.32 -2.09
OR1 PCD K . 2.04 -5.71 -0.32
OM2 PCD K . 2.81 -4.32 -2.98
O1 PEO L . 3.10 -6.99 -2.46
O2 PEO L . 1.85 -6.96 -3.23
#